data_3FGQ
#
_entry.id   3FGQ
#
_cell.length_a   46.017
_cell.length_b   51.953
_cell.length_c   80.316
_cell.angle_alpha   90.09
_cell.angle_beta   90.05
_cell.angle_gamma   97.12
#
_symmetry.space_group_name_H-M   'P 1'
#
loop_
_entity.id
_entity.type
_entity.pdbx_description
1 polymer Neuroserpin
2 non-polymer GLYCEROL
3 water water
#
_entity_poly.entity_id   1
_entity_poly.type   'polypeptide(L)'
_entity_poly.pdbx_seq_one_letter_code
;MAGSHHHHHHTDPTGATFPEEAIADLSVNMYNRLRATGEDENILFSPLSIALAMGMMELGAQGSTQKEIRHSMGYDSLKN
GEEFSFLKEFSNMVTAKESQYVMKIANSLFVQNGFHVNEEFLQMMKKYFNAAVNHVDFSQNVAVANYINKWVENNTNNLV
KDLVSPRDFDAATYLALINAVYFKGNWKSQFRPENTRTFSFTKDDESEVQIPMMYQQGEFYYGEFSDGSNEAGGIYQVLE
IPYEGDEISMMLVLSRQEVPLATLEPLVKAQLVEEWANSVKKQKVEVYLPRFTVEQEIDLKDVLKALGITEIFIKDANLT
GLSDNKEIFLSKAIHKSFLEVNEEGSEAAAVSGMIAISRMAVLYPQVIVDHPFFFLIRNRRTGTILFMGRVMHPETM
;
_entity_poly.pdbx_strand_id   A,B
#
# COMPACT_ATOMS: atom_id res chain seq x y z
N PRO A 19 -12.21 -31.58 -14.90
CA PRO A 19 -12.33 -31.12 -16.29
C PRO A 19 -11.12 -30.27 -16.66
N GLU A 20 -10.15 -30.88 -17.33
CA GLU A 20 -8.98 -30.13 -17.80
C GLU A 20 -9.32 -29.19 -18.94
N GLU A 21 -10.11 -29.69 -19.89
CA GLU A 21 -10.39 -28.97 -21.12
C GLU A 21 -11.48 -27.93 -20.95
N ALA A 22 -12.19 -27.99 -19.83
CA ALA A 22 -13.29 -27.05 -19.58
C ALA A 22 -12.78 -25.61 -19.51
N ILE A 23 -11.54 -25.44 -19.06
CA ILE A 23 -10.93 -24.12 -19.00
C ILE A 23 -10.81 -23.49 -20.39
N ALA A 24 -10.21 -24.26 -21.30
CA ALA A 24 -10.09 -23.87 -22.70
C ALA A 24 -11.41 -23.52 -23.37
N ASP A 25 -12.46 -24.29 -23.09
CA ASP A 25 -13.74 -24.07 -23.78
C ASP A 25 -14.42 -22.85 -23.22
N LEU A 26 -14.28 -22.64 -21.92
CA LEU A 26 -14.83 -21.46 -21.27
C LEU A 26 -14.38 -20.20 -22.02
N SER A 27 -13.07 -20.00 -22.08
CA SER A 27 -12.51 -18.81 -22.71
C SER A 27 -12.88 -18.71 -24.18
N VAL A 28 -12.82 -19.84 -24.88
CA VAL A 28 -13.14 -19.83 -26.29
C VAL A 28 -14.60 -19.42 -26.48
N ASN A 29 -15.48 -19.97 -25.65
CA ASN A 29 -16.89 -19.60 -25.68
C ASN A 29 -17.10 -18.14 -25.30
N MET A 30 -16.43 -17.73 -24.23
CA MET A 30 -16.48 -16.35 -23.76
C MET A 30 -15.99 -15.41 -24.86
N TYR A 31 -14.91 -15.82 -25.54
CA TYR A 31 -14.30 -14.97 -26.57
C TYR A 31 -15.27 -14.74 -27.72
N ASN A 32 -15.92 -15.80 -28.16
CA ASN A 32 -16.96 -15.64 -29.15
C ASN A 32 -18.16 -14.83 -28.73
N ARG A 33 -18.60 -14.97 -27.51
CA ARG A 33 -19.56 -14.04 -26.99
C ARG A 33 -19.10 -12.63 -27.03
N LEU A 34 -17.93 -12.37 -26.47
CA LEU A 34 -17.43 -11.01 -26.43
C LEU A 34 -17.27 -10.42 -27.83
N ARG A 35 -16.79 -11.26 -28.74
CA ARG A 35 -16.61 -10.90 -30.14
C ARG A 35 -17.96 -10.54 -30.74
N ALA A 36 -18.94 -11.37 -30.44
CA ALA A 36 -20.31 -11.17 -30.88
C ALA A 36 -20.77 -9.75 -30.59
N THR A 37 -20.64 -9.36 -29.32
CA THR A 37 -21.19 -8.09 -28.85
C THR A 37 -20.21 -6.92 -28.81
N GLY A 38 -18.99 -7.19 -29.26
CA GLY A 38 -17.88 -6.33 -29.01
C GLY A 38 -17.32 -5.61 -30.20
N GLU A 39 -18.17 -5.33 -31.19
CA GLU A 39 -17.71 -5.29 -32.56
C GLU A 39 -16.59 -4.29 -32.74
N ASP A 40 -15.46 -4.88 -32.93
CA ASP A 40 -14.41 -4.02 -33.38
C ASP A 40 -13.49 -3.53 -32.29
N GLU A 41 -13.86 -3.67 -31.02
CA GLU A 41 -13.10 -3.26 -29.87
C GLU A 41 -12.08 -4.32 -29.54
N ASN A 42 -11.03 -3.92 -28.87
CA ASN A 42 -10.16 -4.81 -28.15
C ASN A 42 -10.90 -5.69 -27.24
N ILE A 43 -10.44 -6.92 -27.11
CA ILE A 43 -10.94 -7.87 -26.13
C ILE A 43 -9.83 -8.33 -25.19
N LEU A 44 -10.15 -8.44 -23.91
CA LEU A 44 -9.22 -8.96 -22.97
C LEU A 44 -9.92 -9.48 -21.75
N PHE A 45 -9.74 -10.75 -21.49
CA PHE A 45 -10.28 -11.35 -20.31
C PHE A 45 -9.42 -12.48 -19.81
N SER A 46 -9.51 -12.77 -18.53
CA SER A 46 -8.87 -13.97 -17.97
C SER A 46 -9.90 -15.04 -17.62
N PRO A 47 -9.80 -16.20 -18.28
CA PRO A 47 -10.58 -17.41 -18.04
C PRO A 47 -10.48 -17.90 -16.60
N LEU A 48 -9.29 -17.96 -16.03
CA LEU A 48 -9.11 -18.37 -14.64
C LEU A 48 -9.83 -17.40 -13.71
N SER A 49 -9.60 -16.11 -13.94
CA SER A 49 -10.24 -15.12 -13.09
C SER A 49 -11.76 -15.27 -13.18
N ILE A 50 -12.28 -15.45 -14.38
CA ILE A 50 -13.72 -15.56 -14.58
C ILE A 50 -14.26 -16.86 -13.96
N ALA A 51 -13.49 -17.92 -14.06
CA ALA A 51 -13.86 -19.19 -13.47
C ALA A 51 -13.81 -19.08 -11.95
N LEU A 52 -12.84 -18.32 -11.45
CA LEU A 52 -12.81 -18.06 -10.02
C LEU A 52 -14.11 -17.36 -9.58
N ALA A 53 -14.51 -16.32 -10.31
CA ALA A 53 -15.73 -15.58 -9.99
C ALA A 53 -16.96 -16.47 -10.03
N MET A 54 -17.00 -17.37 -11.02
CA MET A 54 -18.15 -18.28 -11.19
C MET A 54 -18.18 -19.36 -10.10
N GLY A 55 -17.00 -19.83 -9.67
CA GLY A 55 -16.94 -20.67 -8.49
C GLY A 55 -17.51 -19.98 -7.26
N MET A 56 -17.19 -18.70 -7.07
CA MET A 56 -17.73 -17.94 -5.95
C MET A 56 -19.26 -17.92 -6.00
N MET A 57 -19.81 -17.66 -7.18
CA MET A 57 -21.27 -17.69 -7.38
C MET A 57 -21.82 -19.11 -7.16
N GLU A 58 -21.17 -20.09 -7.75
CA GLU A 58 -21.61 -21.47 -7.56
C GLU A 58 -21.66 -21.83 -6.06
N LEU A 59 -20.63 -21.47 -5.31
CA LEU A 59 -20.61 -21.86 -3.90
C LEU A 59 -21.61 -21.08 -3.07
N GLY A 60 -21.78 -19.80 -3.41
CA GLY A 60 -22.81 -19.01 -2.78
C GLY A 60 -24.21 -19.53 -3.06
N ALA A 61 -24.46 -20.03 -4.28
CA ALA A 61 -25.81 -20.45 -4.67
C ALA A 61 -26.18 -21.87 -4.19
N GLN A 62 -27.46 -22.16 -4.17
CA GLN A 62 -27.94 -23.52 -3.95
C GLN A 62 -29.13 -23.79 -4.84
N GLY A 63 -29.45 -25.06 -5.05
CA GLY A 63 -30.66 -25.42 -5.75
C GLY A 63 -30.59 -25.11 -7.23
N SER A 64 -31.73 -24.64 -7.76
CA SER A 64 -31.83 -24.28 -9.16
C SER A 64 -30.86 -23.17 -9.48
N THR A 65 -30.66 -22.26 -8.52
CA THR A 65 -29.72 -21.18 -8.76
C THR A 65 -28.35 -21.80 -9.02
N GLN A 66 -27.93 -22.72 -8.16
CA GLN A 66 -26.65 -23.40 -8.33
C GLN A 66 -26.62 -24.26 -9.57
N LYS A 67 -27.77 -24.83 -9.91
CA LYS A 67 -27.82 -25.73 -11.06
C LYS A 67 -27.61 -25.01 -12.40
N GLU A 68 -28.27 -23.86 -12.59
CA GLU A 68 -28.05 -23.08 -13.82
C GLU A 68 -26.58 -22.82 -13.96
N ILE A 69 -25.92 -22.47 -12.86
CA ILE A 69 -24.50 -22.07 -12.97
C ILE A 69 -23.64 -23.26 -13.40
N ARG A 70 -23.80 -24.38 -12.69
CA ARG A 70 -23.08 -25.61 -13.02
C ARG A 70 -23.48 -26.08 -14.42
N HIS A 71 -24.78 -26.07 -14.70
CA HIS A 71 -25.28 -26.48 -16.01
C HIS A 71 -24.71 -25.64 -17.15
N SER A 72 -24.72 -24.33 -16.98
CA SER A 72 -24.21 -23.42 -18.01
C SER A 72 -22.72 -23.61 -18.18
N MET A 73 -22.07 -24.06 -17.12
CA MET A 73 -20.63 -24.23 -17.16
C MET A 73 -20.31 -25.61 -17.70
N GLY A 74 -21.35 -26.44 -17.81
CA GLY A 74 -21.21 -27.82 -18.27
C GLY A 74 -20.74 -28.75 -17.16
N TYR A 75 -21.00 -28.37 -15.91
CA TYR A 75 -20.55 -29.11 -14.73
C TYR A 75 -21.63 -29.96 -14.09
N ASP A 76 -22.67 -30.28 -14.88
CA ASP A 76 -23.77 -31.12 -14.42
C ASP A 76 -23.30 -32.43 -13.83
N SER A 77 -22.32 -33.06 -14.47
CA SER A 77 -21.88 -34.41 -14.12
C SER A 77 -20.79 -34.43 -13.05
N LEU A 78 -20.34 -33.25 -12.65
CA LEU A 78 -19.29 -33.15 -11.63
C LEU A 78 -19.94 -33.10 -10.24
N LYS A 79 -19.75 -34.14 -9.44
CA LYS A 79 -20.50 -34.22 -8.18
C LYS A 79 -19.66 -33.95 -6.91
N ASN A 80 -18.35 -33.87 -7.06
CA ASN A 80 -17.45 -33.81 -5.89
C ASN A 80 -16.56 -32.57 -5.82
N GLY A 81 -16.94 -31.53 -6.56
CA GLY A 81 -16.19 -30.29 -6.54
C GLY A 81 -15.00 -30.32 -7.49
N GLU A 82 -15.02 -31.26 -8.44
CA GLU A 82 -13.93 -31.39 -9.40
C GLU A 82 -13.63 -30.10 -10.16
N GLU A 83 -14.66 -29.26 -10.32
CA GLU A 83 -14.51 -28.03 -11.11
C GLU A 83 -13.70 -26.96 -10.40
N PHE A 84 -13.34 -27.20 -9.12
CA PHE A 84 -12.61 -26.21 -8.35
C PHE A 84 -11.10 -26.47 -8.36
N SER A 85 -10.70 -27.51 -9.07
CA SER A 85 -9.30 -27.90 -9.05
C SER A 85 -8.39 -26.88 -9.70
N PHE A 86 -8.92 -26.09 -10.63
CA PHE A 86 -8.11 -25.07 -11.28
C PHE A 86 -7.55 -24.04 -10.27
N LEU A 87 -8.22 -23.88 -9.12
CA LEU A 87 -7.81 -22.89 -8.11
C LEU A 87 -6.35 -23.05 -7.69
N LYS A 88 -5.87 -24.28 -7.63
CA LYS A 88 -4.49 -24.56 -7.25
C LYS A 88 -3.49 -23.86 -8.16
N GLU A 89 -3.60 -24.12 -9.46
CA GLU A 89 -2.68 -23.48 -10.40
C GLU A 89 -2.82 -21.96 -10.32
N PHE A 90 -4.06 -21.50 -10.18
CA PHE A 90 -4.34 -20.09 -10.10
C PHE A 90 -3.61 -19.44 -8.95
N SER A 91 -3.62 -20.11 -7.80
CA SER A 91 -2.89 -19.60 -6.65
C SER A 91 -1.41 -19.52 -6.93
N ASN A 92 -0.86 -20.51 -7.62
CA ASN A 92 0.56 -20.50 -7.97
C ASN A 92 0.97 -19.22 -8.69
N MET A 93 0.14 -18.79 -9.64
CA MET A 93 0.42 -17.55 -10.37
C MET A 93 0.43 -16.30 -9.50
N VAL A 94 -0.50 -16.23 -8.54
CA VAL A 94 -0.58 -15.08 -7.64
C VAL A 94 0.69 -14.96 -6.78
N THR A 95 1.44 -16.05 -6.69
CA THR A 95 2.64 -16.10 -5.83
C THR A 95 3.93 -16.27 -6.64
N ALA A 96 3.85 -16.19 -7.96
CA ALA A 96 5.04 -16.35 -8.79
C ALA A 96 6.08 -15.25 -8.51
N LYS A 97 7.33 -15.51 -8.87
CA LYS A 97 8.38 -14.50 -8.76
C LYS A 97 8.15 -13.32 -9.69
N GLU A 98 8.41 -12.13 -9.17
CA GLU A 98 8.21 -10.88 -9.91
C GLU A 98 9.20 -10.73 -11.06
N SER A 99 10.31 -11.45 -10.98
CA SER A 99 11.35 -11.36 -11.98
C SER A 99 10.88 -12.05 -13.25
N GLN A 100 9.84 -12.88 -13.08
CA GLN A 100 9.22 -13.56 -14.20
C GLN A 100 8.00 -12.79 -14.71
N TYR A 101 7.01 -12.56 -13.87
CA TYR A 101 5.87 -11.74 -14.23
C TYR A 101 5.16 -11.32 -12.99
N VAL A 102 4.23 -10.38 -13.15
CA VAL A 102 3.31 -10.01 -12.08
C VAL A 102 1.87 -10.20 -12.57
N MET A 103 1.10 -10.95 -11.81
CA MET A 103 -0.31 -11.07 -12.03
C MET A 103 -1.04 -10.61 -10.77
N LYS A 104 -1.59 -9.40 -10.77
CA LYS A 104 -2.33 -8.92 -9.60
C LYS A 104 -3.80 -9.29 -9.76
N ILE A 105 -4.40 -9.77 -8.70
CA ILE A 105 -5.83 -10.11 -8.76
C ILE A 105 -6.59 -9.47 -7.62
N ALA A 106 -7.77 -8.95 -7.91
CA ALA A 106 -8.66 -8.42 -6.90
C ALA A 106 -10.01 -9.14 -7.02
N ASN A 107 -10.30 -10.04 -6.08
CA ASN A 107 -11.59 -10.76 -6.07
C ASN A 107 -12.32 -10.44 -4.80
N SER A 108 -13.53 -9.95 -4.92
CA SER A 108 -14.28 -9.61 -3.70
C SER A 108 -15.77 -9.61 -3.96
N LEU A 109 -16.50 -9.99 -2.93
CA LEU A 109 -17.94 -9.83 -2.85
C LEU A 109 -18.13 -8.65 -1.92
N PHE A 110 -18.89 -7.67 -2.39
CA PHE A 110 -19.27 -6.55 -1.58
C PHE A 110 -20.74 -6.73 -1.22
N VAL A 111 -21.04 -6.65 0.06
CA VAL A 111 -22.37 -6.94 0.52
C VAL A 111 -22.91 -5.81 1.40
N GLN A 112 -24.16 -5.43 1.21
CA GLN A 112 -24.80 -4.40 2.05
C GLN A 112 -24.57 -4.62 3.55
N ASN A 113 -24.15 -3.56 4.23
CA ASN A 113 -23.98 -3.61 5.69
C ASN A 113 -25.18 -4.28 6.34
N GLY A 114 -24.94 -5.15 7.32
CA GLY A 114 -26.03 -5.75 8.06
C GLY A 114 -26.53 -7.09 7.53
N PHE A 115 -26.27 -7.39 6.27
CA PHE A 115 -26.57 -8.72 5.74
C PHE A 115 -25.56 -9.72 6.29
N HIS A 116 -26.07 -10.82 6.83
CA HIS A 116 -25.19 -11.87 7.35
C HIS A 116 -24.51 -12.66 6.22
N VAL A 117 -23.22 -12.93 6.38
CA VAL A 117 -22.52 -13.86 5.48
C VAL A 117 -22.13 -15.11 6.26
N ASN A 118 -22.49 -16.28 5.76
CA ASN A 118 -22.11 -17.53 6.40
C ASN A 118 -20.59 -17.59 6.58
N GLU A 119 -20.16 -17.97 7.77
CA GLU A 119 -18.74 -17.92 8.10
C GLU A 119 -17.94 -18.97 7.31
N GLU A 120 -18.57 -20.09 7.00
CA GLU A 120 -17.93 -21.15 6.24
C GLU A 120 -17.67 -20.66 4.82
N PHE A 121 -18.66 -20.02 4.22
CA PHE A 121 -18.44 -19.42 2.89
C PHE A 121 -17.27 -18.43 2.96
N LEU A 122 -17.30 -17.59 3.97
CA LEU A 122 -16.28 -16.56 4.15
C LEU A 122 -14.91 -17.22 4.26
N GLN A 123 -14.83 -18.29 5.02
CA GLN A 123 -13.56 -18.98 5.18
C GLN A 123 -13.03 -19.61 3.89
N MET A 124 -13.91 -20.27 3.14
CA MET A 124 -13.56 -20.83 1.84
C MET A 124 -13.03 -19.77 0.88
N MET A 125 -13.75 -18.66 0.81
CA MET A 125 -13.37 -17.53 -0.04
C MET A 125 -11.94 -17.11 0.23
N LYS A 126 -11.65 -16.95 1.51
CA LYS A 126 -10.34 -16.53 1.95
C LYS A 126 -9.24 -17.56 1.70
N LYS A 127 -9.53 -18.83 1.93
CA LYS A 127 -8.49 -19.87 1.94
C LYS A 127 -8.22 -20.41 0.55
N TYR A 128 -9.27 -20.54 -0.26
CA TYR A 128 -9.11 -21.12 -1.60
C TYR A 128 -9.31 -20.16 -2.79
N PHE A 129 -10.05 -19.07 -2.59
CA PHE A 129 -10.40 -18.19 -3.72
C PHE A 129 -9.65 -16.86 -3.73
N ASN A 130 -8.77 -16.65 -2.76
CA ASN A 130 -8.03 -15.39 -2.72
C ASN A 130 -9.05 -14.27 -2.84
N ALA A 131 -10.13 -14.37 -2.06
CA ALA A 131 -11.25 -13.47 -2.22
C ALA A 131 -11.72 -12.98 -0.87
N ALA A 132 -12.11 -11.71 -0.80
CA ALA A 132 -12.62 -11.17 0.44
C ALA A 132 -14.11 -10.92 0.37
N VAL A 133 -14.74 -10.84 1.52
CA VAL A 133 -16.13 -10.45 1.55
C VAL A 133 -16.18 -9.16 2.35
N ASN A 134 -16.65 -8.08 1.72
CA ASN A 134 -16.58 -6.75 2.33
C ASN A 134 -17.96 -6.15 2.51
N HIS A 135 -18.34 -5.87 3.75
CA HIS A 135 -19.61 -5.18 3.98
C HIS A 135 -19.43 -3.71 3.67
N VAL A 136 -20.37 -3.15 2.93
CA VAL A 136 -20.30 -1.74 2.64
C VAL A 136 -21.72 -1.21 2.67
N ASP A 137 -21.87 0.10 2.64
CA ASP A 137 -23.20 0.68 2.53
C ASP A 137 -23.42 1.16 1.10
N PHE A 138 -24.21 0.41 0.35
CA PHE A 138 -24.40 0.66 -1.08
C PHE A 138 -25.28 1.89 -1.33
N SER A 139 -25.96 2.38 -0.29
CA SER A 139 -26.85 3.52 -0.47
C SER A 139 -26.07 4.82 -0.62
N GLN A 140 -24.80 4.82 -0.24
N GLN A 140 -24.80 4.82 -0.24
CA GLN A 140 -23.95 6.00 -0.42
CA GLN A 140 -23.95 6.00 -0.43
C GLN A 140 -23.18 5.84 -1.73
C GLN A 140 -23.18 5.83 -1.73
N ASN A 141 -23.83 6.21 -2.83
CA ASN A 141 -23.32 5.88 -4.18
C ASN A 141 -21.90 6.27 -4.44
N VAL A 142 -21.56 7.54 -4.17
CA VAL A 142 -20.20 8.00 -4.39
C VAL A 142 -19.17 7.35 -3.43
N ALA A 143 -19.48 7.32 -2.13
CA ALA A 143 -18.59 6.72 -1.14
C ALA A 143 -18.32 5.24 -1.48
N VAL A 144 -19.35 4.51 -1.86
CA VAL A 144 -19.19 3.08 -2.10
C VAL A 144 -18.42 2.82 -3.39
N ALA A 145 -18.65 3.63 -4.43
CA ALA A 145 -17.87 3.48 -5.65
C ALA A 145 -16.40 3.82 -5.35
N ASN A 146 -16.17 4.90 -4.59
CA ASN A 146 -14.82 5.32 -4.21
C ASN A 146 -14.14 4.19 -3.43
N TYR A 147 -14.87 3.62 -2.48
CA TYR A 147 -14.26 2.62 -1.60
C TYR A 147 -13.89 1.39 -2.40
N ILE A 148 -14.85 0.91 -3.18
CA ILE A 148 -14.59 -0.23 -4.06
C ILE A 148 -13.40 0.03 -4.97
N ASN A 149 -13.35 1.19 -5.62
CA ASN A 149 -12.19 1.50 -6.46
C ASN A 149 -10.85 1.48 -5.74
N LYS A 150 -10.83 2.04 -4.53
CA LYS A 150 -9.60 2.04 -3.73
C LYS A 150 -9.22 0.62 -3.28
N TRP A 151 -10.21 -0.17 -2.87
CA TRP A 151 -9.94 -1.55 -2.50
C TRP A 151 -9.33 -2.24 -3.73
N VAL A 152 -9.93 -2.01 -4.90
CA VAL A 152 -9.39 -2.67 -6.11
C VAL A 152 -7.98 -2.18 -6.47
N GLU A 153 -7.77 -0.87 -6.42
CA GLU A 153 -6.44 -0.36 -6.69
C GLU A 153 -5.43 -0.92 -5.71
N ASN A 154 -5.77 -0.89 -4.43
CA ASN A 154 -4.88 -1.40 -3.40
C ASN A 154 -4.48 -2.87 -3.62
N ASN A 155 -5.36 -3.64 -4.24
CA ASN A 155 -5.07 -5.05 -4.47
C ASN A 155 -4.40 -5.29 -5.81
N THR A 156 -4.26 -4.25 -6.62
CA THR A 156 -3.65 -4.41 -7.92
C THR A 156 -2.42 -3.50 -8.12
N ASN A 157 -1.79 -3.08 -7.03
CA ASN A 157 -0.68 -2.12 -7.11
C ASN A 157 -1.13 -0.82 -7.76
N ASN A 158 -2.39 -0.47 -7.55
CA ASN A 158 -2.96 0.73 -8.15
C ASN A 158 -3.01 0.75 -9.69
N LEU A 159 -2.87 -0.42 -10.32
CA LEU A 159 -2.90 -0.50 -11.77
C LEU A 159 -4.31 -0.59 -12.36
N VAL A 160 -5.24 -1.17 -11.60
CA VAL A 160 -6.62 -1.26 -12.09
C VAL A 160 -7.48 -0.20 -11.40
N LYS A 161 -7.84 0.82 -12.17
CA LYS A 161 -8.52 2.01 -11.71
C LYS A 161 -9.95 2.11 -12.15
N ASP A 162 -10.72 2.93 -11.46
CA ASP A 162 -12.06 3.27 -11.90
C ASP A 162 -12.85 2.07 -12.35
N LEU A 163 -12.80 1.00 -11.56
CA LEU A 163 -13.60 -0.16 -11.86
C LEU A 163 -15.08 0.18 -11.89
N VAL A 164 -15.55 0.92 -10.90
CA VAL A 164 -16.98 1.22 -10.78
C VAL A 164 -17.23 2.72 -10.69
N SER A 165 -18.49 3.13 -10.82
CA SER A 165 -18.88 4.55 -10.81
C SER A 165 -20.06 4.68 -9.88
N PRO A 166 -20.30 5.89 -9.34
CA PRO A 166 -21.48 6.01 -8.48
C PRO A 166 -22.77 5.56 -9.18
N ARG A 167 -22.89 5.82 -10.47
CA ARG A 167 -24.04 5.40 -11.23
C ARG A 167 -24.33 3.92 -11.17
N ASP A 168 -23.32 3.09 -10.91
CA ASP A 168 -23.52 1.64 -10.86
C ASP A 168 -24.33 1.25 -9.66
N PHE A 169 -24.58 2.19 -8.75
CA PHE A 169 -25.32 1.88 -7.54
C PHE A 169 -26.58 2.73 -7.42
N ASP A 170 -27.01 3.31 -8.53
CA ASP A 170 -28.29 4.00 -8.58
C ASP A 170 -29.44 3.03 -8.26
N ALA A 171 -29.40 1.86 -8.89
CA ALA A 171 -30.35 0.78 -8.60
C ALA A 171 -30.05 0.16 -7.25
N ALA A 172 -31.08 -0.21 -6.51
CA ALA A 172 -30.87 -0.89 -5.24
C ALA A 172 -29.87 -2.04 -5.44
N THR A 173 -28.82 -2.07 -4.63
CA THR A 173 -27.89 -3.18 -4.70
C THR A 173 -27.60 -3.70 -3.29
N TYR A 174 -27.54 -5.01 -3.13
CA TYR A 174 -27.24 -5.62 -1.83
C TYR A 174 -26.00 -6.51 -1.91
N LEU A 175 -25.62 -6.85 -3.12
CA LEU A 175 -24.50 -7.74 -3.34
C LEU A 175 -23.84 -7.40 -4.67
N ALA A 176 -22.51 -7.25 -4.69
CA ALA A 176 -21.79 -7.05 -5.94
C ALA A 176 -20.51 -7.87 -5.95
N LEU A 177 -20.26 -8.52 -7.08
CA LEU A 177 -19.06 -9.33 -7.28
C LEU A 177 -18.10 -8.54 -8.11
N ILE A 178 -16.89 -8.39 -7.58
CA ILE A 178 -15.88 -7.60 -8.27
C ILE A 178 -14.67 -8.48 -8.55
N ASN A 179 -14.28 -8.53 -9.80
CA ASN A 179 -13.20 -9.39 -10.24
C ASN A 179 -12.30 -8.59 -11.16
N ALA A 180 -11.04 -8.44 -10.80
CA ALA A 180 -10.10 -7.67 -11.61
C ALA A 180 -8.75 -8.38 -11.68
N VAL A 181 -8.02 -8.12 -12.77
CA VAL A 181 -6.71 -8.72 -12.94
C VAL A 181 -5.79 -7.84 -13.80
N TYR A 182 -4.56 -7.67 -13.35
CA TYR A 182 -3.53 -7.00 -14.12
C TYR A 182 -2.44 -8.02 -14.38
N PHE A 183 -1.89 -8.01 -15.58
CA PHE A 183 -0.75 -8.84 -15.90
C PHE A 183 0.27 -8.04 -16.67
N LYS A 184 1.53 -8.20 -16.29
CA LYS A 184 2.67 -7.81 -17.11
C LYS A 184 3.81 -8.81 -16.88
N GLY A 185 4.42 -9.26 -17.96
CA GLY A 185 5.51 -10.20 -17.83
C GLY A 185 6.81 -9.67 -18.38
N ASN A 186 7.90 -10.19 -17.85
CA ASN A 186 9.22 -9.90 -18.37
C ASN A 186 9.53 -10.87 -19.48
N TRP A 187 9.90 -10.37 -20.65
CA TRP A 187 10.22 -11.28 -21.73
C TRP A 187 11.47 -12.09 -21.40
N LYS A 188 11.48 -13.35 -21.79
CA LYS A 188 12.69 -14.14 -21.71
C LYS A 188 13.79 -13.50 -22.54
N SER A 189 13.39 -12.90 -23.66
CA SER A 189 14.31 -12.17 -24.50
C SER A 189 13.81 -10.75 -24.68
N GLN A 190 14.46 -9.80 -24.01
CA GLN A 190 14.03 -8.40 -24.01
C GLN A 190 14.03 -7.80 -25.42
N PHE A 191 13.17 -6.82 -25.65
CA PHE A 191 13.38 -5.92 -26.77
C PHE A 191 14.26 -4.76 -26.28
N ARG A 192 15.18 -4.28 -27.11
N ARG A 192 15.18 -4.28 -27.11
CA ARG A 192 15.97 -3.13 -26.73
CA ARG A 192 15.96 -3.12 -26.73
C ARG A 192 15.24 -1.84 -27.15
C ARG A 192 15.24 -1.84 -27.15
N PRO A 193 15.03 -0.92 -26.20
CA PRO A 193 14.24 0.28 -26.44
C PRO A 193 14.81 1.16 -27.56
N GLU A 194 16.11 1.13 -27.83
CA GLU A 194 16.66 1.92 -28.94
C GLU A 194 16.24 1.38 -30.32
N ASN A 195 15.73 0.16 -30.37
CA ASN A 195 15.23 -0.44 -31.61
C ASN A 195 13.73 -0.26 -31.79
N THR A 196 13.08 0.40 -30.84
CA THR A 196 11.66 0.67 -30.93
C THR A 196 11.47 1.98 -31.72
N ARG A 197 10.70 1.97 -32.79
CA ARG A 197 10.56 3.12 -33.66
C ARG A 197 9.11 3.26 -34.09
N THR A 198 8.68 4.45 -34.49
CA THR A 198 7.29 4.67 -34.91
C THR A 198 7.05 3.97 -36.23
N PHE A 199 6.00 3.15 -36.24
CA PHE A 199 5.54 2.46 -37.44
C PHE A 199 4.08 2.78 -37.50
N SER A 200 3.48 2.61 -38.67
CA SER A 200 2.03 2.73 -38.79
C SER A 200 1.38 1.38 -38.63
N PHE A 201 0.23 1.40 -37.98
CA PHE A 201 -0.53 0.22 -37.72
C PHE A 201 -1.85 0.39 -38.44
N THR A 202 -2.16 -0.57 -39.30
CA THR A 202 -3.35 -0.53 -40.13
C THR A 202 -4.51 -1.30 -39.47
N LYS A 203 -5.49 -0.55 -39.01
CA LYS A 203 -6.68 -1.14 -38.43
C LYS A 203 -7.47 -1.82 -39.51
N ASP A 204 -8.37 -2.69 -39.10
CA ASP A 204 -9.12 -3.51 -40.02
C ASP A 204 -10.23 -2.77 -40.75
N ASP A 205 -10.45 -1.53 -40.36
CA ASP A 205 -11.28 -0.64 -41.10
C ASP A 205 -10.43 0.30 -41.86
N GLU A 206 -9.22 -0.11 -42.18
CA GLU A 206 -8.36 0.61 -43.09
C GLU A 206 -7.78 1.93 -42.66
N SER A 207 -8.16 2.42 -41.48
CA SER A 207 -7.47 3.56 -40.90
C SER A 207 -6.13 3.17 -40.32
N GLU A 208 -5.28 4.15 -40.17
CA GLU A 208 -3.91 3.93 -39.70
C GLU A 208 -3.64 4.76 -38.47
N VAL A 209 -2.89 4.20 -37.53
CA VAL A 209 -2.38 4.98 -36.40
C VAL A 209 -0.88 4.70 -36.21
N GLN A 210 -0.15 5.69 -35.71
CA GLN A 210 1.28 5.54 -35.52
C GLN A 210 1.51 5.03 -34.10
N ILE A 211 2.31 3.99 -33.97
CA ILE A 211 2.58 3.45 -32.65
C ILE A 211 4.06 3.08 -32.54
N PRO A 212 4.55 2.91 -31.31
CA PRO A 212 5.93 2.53 -31.11
C PRO A 212 6.07 1.03 -31.46
N MET A 213 6.85 0.71 -32.48
CA MET A 213 7.00 -0.69 -32.90
C MET A 213 8.31 -1.21 -32.33
N MET A 214 8.21 -2.15 -31.38
CA MET A 214 9.41 -2.77 -30.83
C MET A 214 9.97 -3.75 -31.85
N TYR A 215 11.27 -3.99 -31.78
CA TYR A 215 11.89 -4.90 -32.73
C TYR A 215 12.95 -5.78 -32.06
N GLN A 216 12.97 -7.06 -32.41
CA GLN A 216 14.14 -7.85 -32.09
C GLN A 216 14.25 -9.07 -32.97
N GLN A 217 15.47 -9.55 -33.07
CA GLN A 217 15.74 -10.87 -33.59
C GLN A 217 16.02 -11.77 -32.40
N GLY A 218 15.24 -12.80 -32.22
CA GLY A 218 15.49 -13.67 -31.09
C GLY A 218 14.82 -15.00 -31.24
N GLU A 219 14.94 -15.81 -30.19
CA GLU A 219 14.39 -17.15 -30.18
C GLU A 219 12.93 -17.14 -29.74
N PHE A 220 12.04 -17.52 -30.63
CA PHE A 220 10.63 -17.57 -30.31
C PHE A 220 10.12 -18.91 -30.74
N TYR A 221 8.88 -19.24 -30.45
CA TYR A 221 8.17 -20.26 -31.16
C TYR A 221 7.32 -19.76 -32.30
N TYR A 222 7.48 -20.36 -33.46
CA TYR A 222 6.85 -19.94 -34.69
C TYR A 222 6.26 -21.05 -35.53
N GLY A 223 5.05 -20.87 -35.98
CA GLY A 223 4.49 -21.76 -36.98
C GLY A 223 3.67 -20.99 -37.99
N GLU A 224 3.43 -21.63 -39.13
CA GLU A 224 2.53 -21.12 -40.16
C GLU A 224 1.39 -22.11 -40.34
N PHE A 225 0.20 -21.60 -40.59
CA PHE A 225 -0.96 -22.45 -40.56
C PHE A 225 -1.90 -22.06 -41.67
N SER A 226 -2.68 -23.03 -42.13
CA SER A 226 -3.62 -22.76 -43.18
C SER A 226 -4.80 -22.06 -42.60
N ASP A 227 -5.25 -21.01 -43.26
CA ASP A 227 -6.51 -20.37 -42.89
C ASP A 227 -7.64 -21.25 -43.36
N GLY A 228 -7.29 -22.35 -44.03
CA GLY A 228 -8.26 -23.38 -44.39
C GLY A 228 -8.75 -23.31 -45.82
N SER A 229 -8.57 -22.16 -46.47
CA SER A 229 -9.03 -21.97 -47.85
C SER A 229 -8.17 -22.72 -48.87
N ASN A 230 -7.02 -23.24 -48.43
CA ASN A 230 -6.10 -23.99 -49.28
C ASN A 230 -5.64 -23.25 -50.53
N GLU A 231 -5.97 -21.95 -50.60
CA GLU A 231 -5.53 -21.11 -51.70
C GLU A 231 -4.03 -20.88 -51.62
N ALA A 232 -3.46 -20.32 -52.68
CA ALA A 232 -2.03 -20.03 -52.71
C ALA A 232 -1.72 -18.97 -51.67
N GLY A 233 -0.69 -19.23 -50.86
CA GLY A 233 -0.30 -18.30 -49.82
C GLY A 233 -1.17 -18.32 -48.59
N GLY A 234 -2.47 -18.59 -48.77
CA GLY A 234 -3.42 -18.56 -47.68
C GLY A 234 -2.86 -19.22 -46.42
N ILE A 235 -2.08 -18.45 -45.67
CA ILE A 235 -1.65 -18.88 -44.34
C ILE A 235 -1.67 -17.72 -43.35
N TYR A 236 -1.82 -18.04 -42.07
CA TYR A 236 -1.55 -17.09 -41.00
C TYR A 236 -0.41 -17.55 -40.12
N GLN A 237 0.17 -16.61 -39.36
CA GLN A 237 1.32 -16.90 -38.54
C GLN A 237 0.92 -16.98 -37.10
N VAL A 238 1.58 -17.87 -36.38
CA VAL A 238 1.42 -17.95 -34.95
C VAL A 238 2.78 -17.76 -34.36
N LEU A 239 2.90 -16.84 -33.42
CA LEU A 239 4.15 -16.54 -32.77
C LEU A 239 3.95 -16.65 -31.27
N GLU A 240 4.80 -17.44 -30.64
CA GLU A 240 4.74 -17.59 -29.20
C GLU A 240 6.00 -17.00 -28.59
N ILE A 241 5.82 -16.00 -27.76
CA ILE A 241 6.95 -15.32 -27.17
C ILE A 241 7.04 -15.69 -25.69
N PRO A 242 8.10 -16.40 -25.30
CA PRO A 242 8.20 -16.87 -23.90
C PRO A 242 8.48 -15.74 -22.91
N TYR A 243 7.84 -15.82 -21.75
CA TYR A 243 8.24 -14.93 -20.65
C TYR A 243 9.36 -15.55 -19.85
N GLU A 244 10.10 -14.71 -19.14
CA GLU A 244 11.14 -15.20 -18.24
C GLU A 244 10.58 -16.32 -17.36
N GLY A 245 11.35 -17.35 -17.18
CA GLY A 245 10.97 -18.44 -16.32
C GLY A 245 10.46 -19.62 -17.08
N ASP A 246 10.19 -19.41 -18.35
CA ASP A 246 9.95 -20.50 -19.27
C ASP A 246 8.63 -21.19 -19.16
N GLU A 247 7.81 -20.80 -18.21
CA GLU A 247 6.51 -21.40 -18.04
C GLU A 247 5.37 -20.68 -18.75
N ILE A 248 5.35 -19.35 -18.74
CA ILE A 248 4.25 -18.57 -19.30
C ILE A 248 4.68 -17.97 -20.64
N SER A 249 3.73 -17.84 -21.57
CA SER A 249 4.07 -17.24 -22.84
C SER A 249 2.91 -16.47 -23.46
N MET A 250 3.22 -15.52 -24.34
CA MET A 250 2.19 -14.87 -25.11
C MET A 250 2.15 -15.46 -26.51
N MET A 251 0.97 -15.93 -26.93
CA MET A 251 0.83 -16.48 -28.26
C MET A 251 0.02 -15.51 -29.10
N LEU A 252 0.62 -15.04 -30.20
CA LEU A 252 -0.03 -14.07 -31.10
C LEU A 252 -0.43 -14.76 -32.38
N VAL A 253 -1.61 -14.46 -32.86
CA VAL A 253 -2.07 -15.04 -34.12
C VAL A 253 -2.35 -13.94 -35.12
N LEU A 254 -1.64 -13.98 -36.23
CA LEU A 254 -1.62 -12.84 -37.15
C LEU A 254 -1.90 -13.23 -38.59
N SER A 255 -3.04 -12.77 -39.11
CA SER A 255 -3.45 -13.07 -40.46
C SER A 255 -2.49 -12.38 -41.41
N ARG A 256 -2.53 -12.77 -42.67
CA ARG A 256 -1.72 -12.08 -43.67
C ARG A 256 -2.20 -10.63 -43.74
N GLN A 257 -1.32 -9.73 -44.18
CA GLN A 257 -1.58 -8.29 -44.13
C GLN A 257 -2.84 -7.77 -44.83
N GLU A 258 -3.23 -8.40 -45.92
CA GLU A 258 -4.43 -7.91 -46.63
C GLU A 258 -5.73 -8.53 -46.11
N VAL A 259 -5.61 -9.47 -45.18
CA VAL A 259 -6.74 -10.18 -44.59
C VAL A 259 -7.09 -9.68 -43.19
N PRO A 260 -8.40 -9.53 -42.90
CA PRO A 260 -8.92 -9.11 -41.58
C PRO A 260 -8.76 -10.18 -40.52
N LEU A 261 -8.62 -9.77 -39.26
CA LEU A 261 -8.54 -10.72 -38.14
C LEU A 261 -9.81 -11.57 -38.09
N ALA A 262 -10.94 -10.93 -38.40
CA ALA A 262 -12.27 -11.57 -38.38
C ALA A 262 -12.38 -12.85 -39.23
N THR A 263 -11.54 -12.98 -40.25
CA THR A 263 -11.51 -14.21 -41.04
C THR A 263 -10.90 -15.39 -40.27
N LEU A 264 -10.01 -15.09 -39.34
CA LEU A 264 -9.37 -16.13 -38.52
C LEU A 264 -10.15 -16.47 -37.25
N GLU A 265 -10.87 -15.50 -36.71
CA GLU A 265 -11.51 -15.69 -35.41
C GLU A 265 -12.43 -16.92 -35.34
N PRO A 266 -13.24 -17.17 -36.36
CA PRO A 266 -14.13 -18.32 -36.23
C PRO A 266 -13.38 -19.65 -36.06
N LEU A 267 -12.09 -19.65 -36.37
CA LEU A 267 -11.30 -20.89 -36.30
C LEU A 267 -10.88 -21.15 -34.87
N VAL A 268 -11.09 -20.15 -34.02
CA VAL A 268 -10.60 -20.24 -32.66
C VAL A 268 -11.35 -21.30 -31.83
N LYS A 269 -10.63 -22.34 -31.41
CA LYS A 269 -11.21 -23.42 -30.63
C LYS A 269 -10.11 -24.17 -29.88
N ALA A 270 -10.51 -24.84 -28.80
CA ALA A 270 -9.55 -25.40 -27.87
C ALA A 270 -8.59 -26.31 -28.61
N GLN A 271 -9.11 -26.98 -29.63
CA GLN A 271 -8.32 -27.95 -30.39
C GLN A 271 -7.26 -27.28 -31.25
N LEU A 272 -7.66 -26.21 -31.91
CA LEU A 272 -6.71 -25.39 -32.66
C LEU A 272 -5.57 -24.89 -31.74
N VAL A 273 -5.93 -24.30 -30.60
CA VAL A 273 -4.91 -23.83 -29.66
C VAL A 273 -3.92 -24.94 -29.31
N GLU A 274 -4.45 -26.13 -29.08
CA GLU A 274 -3.62 -27.30 -28.84
C GLU A 274 -2.67 -27.50 -30.01
N GLU A 275 -3.20 -27.40 -31.22
CA GLU A 275 -2.41 -27.65 -32.42
C GLU A 275 -1.29 -26.62 -32.52
N TRP A 276 -1.64 -25.34 -32.36
CA TRP A 276 -0.62 -24.30 -32.38
C TRP A 276 0.46 -24.67 -31.40
N ALA A 277 0.03 -24.95 -30.17
CA ALA A 277 0.97 -25.17 -29.08
C ALA A 277 1.95 -26.26 -29.47
N ASN A 278 1.43 -27.32 -30.11
CA ASN A 278 2.26 -28.47 -30.48
C ASN A 278 3.05 -28.31 -31.77
N SER A 279 2.53 -27.52 -32.71
CA SER A 279 3.19 -27.40 -34.02
C SER A 279 4.26 -26.31 -34.10
N VAL A 280 4.09 -25.21 -33.37
CA VAL A 280 5.11 -24.15 -33.40
C VAL A 280 6.48 -24.70 -33.07
N LYS A 281 7.51 -24.12 -33.67
CA LYS A 281 8.86 -24.57 -33.48
C LYS A 281 9.76 -23.45 -33.03
N LYS A 282 10.69 -23.77 -32.15
CA LYS A 282 11.58 -22.78 -31.55
C LYS A 282 12.67 -22.48 -32.56
N GLN A 283 12.88 -21.20 -32.84
CA GLN A 283 13.85 -20.80 -33.85
C GLN A 283 14.03 -19.30 -33.84
N LYS A 284 15.06 -18.81 -34.53
CA LYS A 284 15.23 -17.39 -34.63
C LYS A 284 14.18 -16.80 -35.54
N VAL A 285 13.52 -15.74 -35.06
CA VAL A 285 12.48 -15.03 -35.79
C VAL A 285 12.77 -13.56 -35.67
N GLU A 286 12.50 -12.78 -36.72
CA GLU A 286 12.53 -11.32 -36.58
C GLU A 286 11.15 -10.79 -36.26
N VAL A 287 11.07 -10.07 -35.14
CA VAL A 287 9.76 -9.70 -34.61
C VAL A 287 9.61 -8.19 -34.48
N TYR A 288 8.53 -7.67 -35.05
CA TYR A 288 8.11 -6.28 -34.85
C TYR A 288 6.79 -6.35 -34.11
N LEU A 289 6.79 -5.83 -32.88
CA LEU A 289 5.63 -5.93 -32.00
C LEU A 289 5.35 -4.57 -31.38
N PRO A 290 4.10 -4.12 -31.43
CA PRO A 290 3.85 -2.81 -30.82
C PRO A 290 4.09 -2.86 -29.33
N ARG A 291 4.58 -1.75 -28.80
CA ARG A 291 4.46 -1.50 -27.37
C ARG A 291 3.01 -1.05 -27.13
N PHE A 292 2.28 -1.74 -26.26
CA PHE A 292 0.86 -1.44 -26.07
C PHE A 292 0.30 -1.92 -24.74
N THR A 293 -0.84 -1.37 -24.32
CA THR A 293 -1.59 -1.95 -23.23
C THR A 293 -2.98 -2.24 -23.73
N VAL A 294 -3.60 -3.27 -23.19
CA VAL A 294 -4.97 -3.53 -23.56
C VAL A 294 -5.77 -3.82 -22.30
N GLU A 295 -7.00 -3.38 -22.31
CA GLU A 295 -7.88 -3.59 -21.19
C GLU A 295 -9.32 -3.77 -21.65
N GLN A 296 -10.12 -4.34 -20.77
CA GLN A 296 -11.53 -4.46 -21.06
C GLN A 296 -12.23 -4.68 -19.75
N GLU A 297 -13.32 -3.94 -19.55
CA GLU A 297 -14.21 -4.19 -18.44
C GLU A 297 -15.44 -4.84 -19.02
N ILE A 298 -15.84 -5.98 -18.45
CA ILE A 298 -17.01 -6.66 -18.91
C ILE A 298 -18.06 -6.80 -17.80
N ASP A 299 -19.32 -6.70 -18.21
CA ASP A 299 -20.46 -6.87 -17.32
C ASP A 299 -20.76 -8.34 -17.33
N LEU A 300 -20.30 -9.07 -16.31
CA LEU A 300 -20.45 -10.54 -16.30
C LEU A 300 -21.91 -10.92 -16.21
N LYS A 301 -22.71 -10.06 -15.61
CA LYS A 301 -24.12 -10.32 -15.46
C LYS A 301 -24.70 -10.41 -16.87
N ASP A 302 -24.38 -9.42 -17.71
CA ASP A 302 -24.87 -9.46 -19.08
C ASP A 302 -24.45 -10.74 -19.76
N VAL A 303 -23.15 -11.03 -19.73
CA VAL A 303 -22.60 -12.19 -20.42
C VAL A 303 -23.21 -13.51 -19.96
N LEU A 304 -23.34 -13.67 -18.65
CA LEU A 304 -23.90 -14.90 -18.09
C LEU A 304 -25.40 -15.09 -18.36
N LYS A 305 -26.19 -14.02 -18.32
CA LYS A 305 -27.60 -14.12 -18.63
C LYS A 305 -27.82 -14.79 -20.01
N ALA A 306 -27.02 -14.39 -20.99
CA ALA A 306 -27.07 -14.99 -22.32
C ALA A 306 -26.68 -16.47 -22.30
N LEU A 307 -26.00 -16.88 -21.23
CA LEU A 307 -25.54 -18.27 -21.10
C LEU A 307 -26.39 -19.07 -20.12
N GLY A 308 -27.60 -18.59 -19.84
CA GLY A 308 -28.54 -19.35 -19.01
C GLY A 308 -28.66 -18.94 -17.56
N ILE A 309 -27.59 -18.36 -17.03
CA ILE A 309 -27.47 -17.97 -15.62
C ILE A 309 -28.21 -16.67 -15.34
N THR A 310 -29.40 -16.76 -14.76
CA THR A 310 -30.26 -15.60 -14.57
C THR A 310 -30.88 -15.56 -13.18
N GLU A 311 -31.05 -16.71 -12.56
CA GLU A 311 -31.81 -16.73 -11.33
C GLU A 311 -31.02 -16.04 -10.23
N ILE A 312 -29.70 -16.14 -10.30
CA ILE A 312 -28.85 -15.54 -9.27
C ILE A 312 -28.97 -14.00 -9.26
N PHE A 313 -29.45 -13.43 -10.36
CA PHE A 313 -29.53 -11.98 -10.52
C PHE A 313 -30.91 -11.37 -10.20
N ILE A 314 -31.84 -12.18 -9.68
CA ILE A 314 -33.18 -11.71 -9.35
C ILE A 314 -33.56 -12.15 -7.94
N LYS A 315 -34.68 -11.66 -7.42
CA LYS A 315 -35.00 -11.93 -6.02
C LYS A 315 -35.33 -13.40 -5.75
N ASP A 316 -35.46 -14.19 -6.80
CA ASP A 316 -35.68 -15.63 -6.64
C ASP A 316 -34.39 -16.37 -6.37
N ALA A 317 -33.30 -15.62 -6.29
CA ALA A 317 -31.98 -16.20 -6.09
C ALA A 317 -31.97 -17.06 -4.86
N ASN A 318 -31.47 -18.29 -4.99
CA ASN A 318 -31.16 -19.06 -3.78
C ASN A 318 -29.66 -18.96 -3.50
N LEU A 319 -29.30 -18.10 -2.56
CA LEU A 319 -27.91 -17.82 -2.23
C LEU A 319 -27.62 -18.23 -0.79
N THR A 320 -28.28 -19.29 -0.33
CA THR A 320 -28.19 -19.70 1.06
C THR A 320 -26.80 -20.28 1.37
N GLY A 321 -26.04 -20.61 0.33
CA GLY A 321 -24.64 -20.93 0.48
C GLY A 321 -23.83 -19.77 1.04
N LEU A 322 -24.28 -18.54 0.83
CA LEU A 322 -23.48 -17.42 1.32
C LEU A 322 -24.14 -16.59 2.42
N SER A 323 -25.46 -16.65 2.49
CA SER A 323 -26.24 -15.84 3.43
C SER A 323 -27.60 -16.47 3.69
N ASP A 324 -28.04 -16.44 4.93
CA ASP A 324 -29.36 -16.93 5.25
C ASP A 324 -30.40 -15.83 5.00
N ASN A 325 -29.95 -14.68 4.52
CA ASN A 325 -30.86 -13.59 4.21
C ASN A 325 -31.63 -13.85 2.90
N LYS A 326 -32.95 -13.89 3.00
CA LYS A 326 -33.80 -14.31 1.88
C LYS A 326 -34.02 -13.22 0.82
N GLU A 327 -33.73 -11.97 1.18
CA GLU A 327 -33.84 -10.84 0.26
C GLU A 327 -32.73 -10.77 -0.78
N ILE A 328 -31.65 -11.50 -0.54
CA ILE A 328 -30.40 -11.23 -1.23
C ILE A 328 -30.29 -11.89 -2.60
N PHE A 329 -29.80 -11.12 -3.58
CA PHE A 329 -29.47 -11.60 -4.93
C PHE A 329 -28.25 -10.81 -5.43
N LEU A 330 -27.65 -11.26 -6.52
CA LEU A 330 -26.45 -10.62 -7.07
C LEU A 330 -26.84 -9.47 -7.99
N SER A 331 -26.66 -8.25 -7.53
CA SER A 331 -27.05 -7.09 -8.32
C SER A 331 -26.09 -6.81 -9.46
N LYS A 332 -24.82 -7.15 -9.26
CA LYS A 332 -23.78 -6.60 -10.11
C LYS A 332 -22.66 -7.62 -10.16
N ALA A 333 -22.15 -7.90 -11.36
CA ALA A 333 -20.98 -8.76 -11.50
C ALA A 333 -20.03 -8.15 -12.53
N ILE A 334 -18.89 -7.65 -12.06
CA ILE A 334 -17.97 -6.93 -12.93
C ILE A 334 -16.63 -7.63 -13.05
N HIS A 335 -16.12 -7.70 -14.26
CA HIS A 335 -14.78 -8.23 -14.48
C HIS A 335 -13.97 -7.22 -15.27
N LYS A 336 -12.77 -6.97 -14.80
CA LYS A 336 -11.87 -6.12 -15.58
C LYS A 336 -10.45 -6.69 -15.67
N SER A 337 -9.93 -6.76 -16.90
CA SER A 337 -8.55 -7.16 -17.14
C SER A 337 -7.72 -6.04 -17.71
N PHE A 338 -6.44 -6.02 -17.35
CA PHE A 338 -5.55 -4.99 -17.88
C PHE A 338 -4.24 -5.70 -18.20
N LEU A 339 -3.80 -5.60 -19.44
CA LEU A 339 -2.57 -6.26 -19.84
C LEU A 339 -1.60 -5.21 -20.36
N GLU A 340 -0.35 -5.30 -19.95
CA GLU A 340 0.65 -4.37 -20.41
C GLU A 340 1.79 -5.10 -21.10
N VAL A 341 2.15 -4.62 -22.28
CA VAL A 341 3.26 -5.19 -23.05
C VAL A 341 4.28 -4.10 -23.40
N ASN A 342 5.55 -4.32 -23.06
CA ASN A 342 6.60 -3.41 -23.48
C ASN A 342 7.92 -4.17 -23.72
N GLU A 343 9.02 -3.45 -23.83
CA GLU A 343 10.31 -4.03 -24.22
C GLU A 343 10.86 -4.96 -23.13
N GLU A 344 10.46 -4.72 -21.89
CA GLU A 344 11.21 -5.19 -20.73
C GLU A 344 11.36 -6.71 -20.63
N GLY A 345 12.58 -7.17 -20.38
CA GLY A 345 12.81 -8.58 -20.15
C GLY A 345 14.27 -8.84 -19.91
N SER A 346 14.69 -10.09 -20.04
CA SER A 346 16.06 -10.50 -19.76
C SER A 346 17.00 -10.36 -20.96
N GLU A 347 18.28 -10.21 -20.65
CA GLU A 347 19.32 -10.30 -21.68
C GLU A 347 19.21 -11.59 -22.49
N ALA A 348 19.36 -11.50 -23.81
CA ALA A 348 19.43 -12.72 -24.62
C ALA A 348 20.78 -13.42 -24.46
N ALA A 349 20.77 -14.75 -24.39
CA ALA A 349 22.02 -15.51 -24.39
C ALA A 349 22.75 -15.32 -25.74
N ALA A 350 24.06 -15.10 -25.69
CA ALA A 350 24.86 -14.93 -26.90
C ALA A 350 25.64 -16.18 -27.23
N ALA A 356 28.25 -19.77 -36.50
CA ALA A 356 28.02 -19.83 -37.95
C ALA A 356 26.52 -19.92 -38.31
N ILE A 357 25.64 -19.86 -37.32
CA ILE A 357 24.19 -19.83 -37.57
C ILE A 357 23.75 -18.50 -38.21
N SER A 358 24.63 -17.50 -38.19
CA SER A 358 24.36 -16.23 -38.84
C SER A 358 24.19 -16.48 -40.35
N ARG A 359 24.83 -17.53 -40.86
N ARG A 359 24.82 -17.55 -40.85
CA ARG A 359 24.71 -17.89 -42.26
CA ARG A 359 24.71 -17.96 -42.24
C ARG A 359 23.26 -18.23 -42.62
C ARG A 359 23.26 -18.24 -42.61
N MET A 360 22.45 -18.56 -41.61
CA MET A 360 21.05 -18.94 -41.87
C MET A 360 20.11 -17.75 -41.84
N ALA A 361 20.65 -16.54 -41.68
CA ALA A 361 19.82 -15.37 -41.42
C ALA A 361 18.72 -15.20 -42.46
N VAL A 362 19.01 -15.56 -43.71
CA VAL A 362 18.03 -15.36 -44.78
C VAL A 362 16.84 -16.23 -44.61
N LEU A 363 16.96 -17.21 -43.74
CA LEU A 363 15.87 -18.14 -43.53
C LEU A 363 15.03 -17.78 -42.30
N TYR A 364 15.47 -16.81 -41.50
CA TYR A 364 14.65 -16.41 -40.33
C TYR A 364 13.29 -15.90 -40.75
N PRO A 365 12.21 -16.45 -40.19
CA PRO A 365 10.88 -15.91 -40.46
C PRO A 365 10.72 -14.48 -39.95
N GLN A 366 9.77 -13.73 -40.51
CA GLN A 366 9.57 -12.33 -40.14
C GLN A 366 8.12 -12.15 -39.76
N VAL A 367 7.88 -11.62 -38.57
CA VAL A 367 6.52 -11.38 -38.09
C VAL A 367 6.43 -9.91 -37.78
N ILE A 368 5.61 -9.19 -38.53
CA ILE A 368 5.48 -7.76 -38.29
C ILE A 368 4.03 -7.53 -37.88
N VAL A 369 3.83 -7.26 -36.60
CA VAL A 369 2.51 -7.11 -36.04
C VAL A 369 2.04 -5.66 -36.26
N ASP A 370 1.64 -5.33 -37.49
CA ASP A 370 1.26 -3.95 -37.79
C ASP A 370 -0.18 -3.87 -38.25
N HIS A 371 -0.97 -4.84 -37.80
CA HIS A 371 -2.41 -4.86 -37.99
C HIS A 371 -3.01 -5.79 -36.94
N PRO A 372 -4.34 -5.81 -36.82
CA PRO A 372 -4.98 -6.47 -35.67
C PRO A 372 -4.60 -7.92 -35.52
N PHE A 373 -4.58 -8.37 -34.27
CA PHE A 373 -4.15 -9.72 -33.97
C PHE A 373 -4.91 -10.25 -32.79
N PHE A 374 -5.08 -11.56 -32.77
CA PHE A 374 -5.63 -12.33 -31.65
C PHE A 374 -4.45 -12.75 -30.80
N PHE A 375 -4.65 -12.89 -29.49
CA PHE A 375 -3.58 -13.34 -28.64
C PHE A 375 -4.11 -14.19 -27.48
N LEU A 376 -3.24 -15.00 -26.90
CA LEU A 376 -3.57 -15.58 -25.61
C LEU A 376 -2.33 -15.62 -24.77
N ILE A 377 -2.51 -15.60 -23.45
CA ILE A 377 -1.39 -15.85 -22.56
C ILE A 377 -1.64 -17.21 -21.91
N ARG A 378 -0.63 -18.06 -21.92
CA ARG A 378 -0.82 -19.44 -21.55
C ARG A 378 0.37 -19.96 -20.82
N ASN A 379 0.12 -20.95 -19.99
CA ASN A 379 1.16 -21.68 -19.32
C ASN A 379 1.50 -22.83 -20.23
N ARG A 380 2.76 -22.88 -20.68
CA ARG A 380 3.20 -23.88 -21.64
C ARG A 380 3.28 -25.28 -21.05
N ARG A 381 3.46 -25.36 -19.75
CA ARG A 381 3.67 -26.64 -19.09
C ARG A 381 2.33 -27.27 -18.76
N THR A 382 1.39 -26.43 -18.33
CA THR A 382 0.09 -26.91 -17.92
C THR A 382 -0.95 -26.71 -19.00
N GLY A 383 -0.70 -25.80 -19.94
CA GLY A 383 -1.60 -25.57 -21.06
C GLY A 383 -2.72 -24.61 -20.72
N THR A 384 -2.79 -24.19 -19.46
CA THR A 384 -3.91 -23.34 -19.03
C THR A 384 -3.83 -21.91 -19.53
N ILE A 385 -5.00 -21.37 -19.87
CA ILE A 385 -5.09 -20.06 -20.47
C ILE A 385 -5.25 -18.98 -19.41
N LEU A 386 -4.26 -18.13 -19.27
CA LEU A 386 -4.32 -17.00 -18.36
C LEU A 386 -5.14 -15.88 -18.93
N PHE A 387 -5.00 -15.65 -20.24
CA PHE A 387 -5.72 -14.56 -20.89
C PHE A 387 -6.01 -14.89 -22.33
N MET A 388 -7.05 -14.27 -22.85
CA MET A 388 -7.36 -14.36 -24.27
C MET A 388 -7.87 -13.00 -24.65
N GLY A 389 -7.63 -12.60 -25.90
CA GLY A 389 -8.17 -11.33 -26.35
C GLY A 389 -7.76 -11.01 -27.76
N ARG A 390 -8.00 -9.79 -28.18
CA ARG A 390 -7.50 -9.34 -29.44
C ARG A 390 -7.16 -7.87 -29.35
N VAL A 391 -6.24 -7.44 -30.19
CA VAL A 391 -5.97 -6.00 -30.34
C VAL A 391 -6.42 -5.50 -31.72
N MET A 392 -7.41 -4.63 -31.71
CA MET A 392 -7.87 -3.96 -32.90
C MET A 392 -7.27 -2.55 -32.92
N HIS A 393 -7.07 -1.99 -31.74
CA HIS A 393 -6.48 -0.66 -31.56
C HIS A 393 -5.38 -0.69 -30.51
N PRO A 394 -4.11 -0.60 -30.95
CA PRO A 394 -2.97 -0.68 -30.03
C PRO A 394 -2.64 0.67 -29.42
N GLU A 395 -3.22 1.72 -29.94
CA GLU A 395 -2.87 3.06 -29.57
C GLU A 395 -3.39 3.43 -28.21
N THR A 396 -2.55 4.16 -27.50
CA THR A 396 -2.86 4.73 -26.22
C THR A 396 -4.17 5.46 -26.26
N MET A 397 -4.73 5.75 -25.10
CA MET A 397 -6.02 6.41 -25.03
C MET A 397 -6.77 6.19 -26.34
N PRO B 19 12.21 31.86 23.21
CA PRO B 19 12.34 31.30 21.87
C PRO B 19 11.13 30.43 21.54
N GLU B 20 10.16 30.98 20.82
CA GLU B 20 9.00 30.21 20.40
C GLU B 20 9.36 29.19 19.33
N GLU B 21 10.16 29.63 18.36
CA GLU B 21 10.45 28.82 17.18
C GLU B 21 11.54 27.79 17.44
N ALA B 22 12.24 27.93 18.56
CA ALA B 22 13.32 27.01 18.88
C ALA B 22 12.82 25.57 19.04
N ILE B 23 11.57 25.43 19.47
CA ILE B 23 10.96 24.12 19.64
C ILE B 23 10.86 23.42 18.28
N ALA B 24 10.28 24.12 17.32
CA ALA B 24 10.16 23.63 15.94
C ALA B 24 11.49 23.24 15.32
N ASP B 25 12.54 24.03 15.57
CA ASP B 25 13.82 23.76 14.92
C ASP B 25 14.49 22.57 15.55
N LEU B 26 14.32 22.44 16.87
CA LEU B 26 14.87 21.32 17.60
C LEU B 26 14.44 20.02 16.92
N SER B 27 13.12 19.81 16.85
CA SER B 27 12.58 18.58 16.31
C SER B 27 12.97 18.37 14.86
N VAL B 28 12.93 19.45 14.08
CA VAL B 28 13.25 19.35 12.68
C VAL B 28 14.71 18.92 12.53
N ASN B 29 15.58 19.52 13.35
CA ASN B 29 16.99 19.14 13.35
C ASN B 29 17.18 17.71 13.83
N MET B 30 16.50 17.39 14.91
CA MET B 30 16.55 16.05 15.48
C MET B 30 16.07 15.04 14.43
N TYR B 31 15.00 15.41 13.71
CA TYR B 31 14.40 14.49 12.74
C TYR B 31 15.38 14.17 11.63
N ASN B 32 16.05 15.19 11.12
CA ASN B 32 17.07 14.97 10.10
C ASN B 32 18.27 14.17 10.62
N ARG B 33 18.67 14.43 11.87
CA ARG B 33 19.68 13.58 12.49
C ARG B 33 19.24 12.12 12.55
N LEU B 34 18.03 11.88 13.07
CA LEU B 34 17.54 10.51 13.20
C LEU B 34 17.38 9.87 11.83
N ARG B 35 16.92 10.66 10.86
CA ARG B 35 16.75 10.18 9.49
C ARG B 35 18.10 9.77 8.92
N ALA B 36 19.09 10.63 9.18
CA ALA B 36 20.46 10.39 8.77
C ALA B 36 20.89 9.00 9.17
N THR B 37 20.77 8.69 10.46
CA THR B 37 21.32 7.45 11.01
C THR B 37 20.33 6.29 11.12
N GLY B 38 19.07 6.53 10.77
CA GLY B 38 18.06 5.52 10.98
C GLY B 38 17.33 5.07 9.73
N GLU B 39 18.07 4.94 8.63
CA GLU B 39 17.47 4.72 7.32
C GLU B 39 16.51 3.53 7.25
N ASP B 40 15.33 3.76 6.69
CA ASP B 40 14.38 2.69 6.47
C ASP B 40 13.53 2.35 7.71
N GLU B 41 13.91 2.85 8.88
CA GLU B 41 13.22 2.51 10.12
C GLU B 41 12.21 3.60 10.46
N ASN B 42 11.18 3.24 11.22
CA ASN B 42 10.25 4.21 11.74
C ASN B 42 10.98 5.17 12.64
N ILE B 43 10.44 6.37 12.78
CA ILE B 43 11.04 7.38 13.64
C ILE B 43 9.93 7.93 14.52
N LEU B 44 10.23 8.15 15.79
CA LEU B 44 9.26 8.77 16.68
C LEU B 44 9.98 9.34 17.85
N PHE B 45 9.83 10.64 18.05
CA PHE B 45 10.36 11.27 19.25
C PHE B 45 9.47 12.45 19.60
N SER B 46 9.54 12.86 20.87
CA SER B 46 8.88 14.08 21.34
C SER B 46 9.90 15.18 21.63
N PRO B 47 9.82 16.28 20.88
CA PRO B 47 10.59 17.50 21.03
C PRO B 47 10.48 18.09 22.43
N LEU B 48 9.27 18.17 22.99
CA LEU B 48 9.08 18.68 24.36
C LEU B 48 9.78 17.78 25.34
N SER B 49 9.57 16.48 25.20
CA SER B 49 10.19 15.53 26.12
C SER B 49 11.71 15.66 26.06
N ILE B 50 12.25 15.80 24.85
CA ILE B 50 13.69 15.89 24.67
C ILE B 50 14.24 17.22 25.16
N ALA B 51 13.47 18.29 24.96
CA ALA B 51 13.83 19.60 25.50
C ALA B 51 13.74 19.58 27.02
N LEU B 52 12.78 18.85 27.56
CA LEU B 52 12.72 18.69 29.02
C LEU B 52 14.01 18.03 29.52
N ALA B 53 14.43 16.95 28.87
CA ALA B 53 15.63 16.22 29.27
C ALA B 53 16.88 17.09 29.18
N MET B 54 16.94 17.92 28.14
CA MET B 54 18.09 18.80 27.91
C MET B 54 18.11 19.96 28.91
N GLY B 55 16.94 20.46 29.30
CA GLY B 55 16.85 21.39 30.41
C GLY B 55 17.40 20.79 31.70
N MET B 56 17.06 19.53 31.97
CA MET B 56 17.60 18.85 33.16
C MET B 56 19.12 18.84 33.12
N MET B 57 19.69 18.49 31.96
CA MET B 57 21.13 18.50 31.78
C MET B 57 21.69 19.92 31.90
N GLU B 58 21.04 20.87 31.26
CA GLU B 58 21.49 22.26 31.34
C GLU B 58 21.53 22.74 32.80
N LEU B 59 20.52 22.40 33.58
CA LEU B 59 20.46 22.90 34.95
C LEU B 59 21.45 22.17 35.85
N GLY B 60 21.62 20.87 35.61
CA GLY B 60 22.64 20.12 36.29
C GLY B 60 24.06 20.61 35.98
N ALA B 61 24.31 21.04 34.74
CA ALA B 61 25.66 21.44 34.33
C ALA B 61 26.02 22.87 34.72
N GLN B 62 27.31 23.17 34.76
CA GLN B 62 27.79 24.55 34.87
C GLN B 62 28.99 24.75 33.98
N GLY B 63 29.32 26.01 33.71
CA GLY B 63 30.53 26.33 32.98
C GLY B 63 30.49 25.90 31.54
N SER B 64 31.63 25.38 31.06
CA SER B 64 31.75 24.94 29.69
C SER B 64 30.77 23.81 29.43
N THR B 65 30.56 22.97 30.44
CA THR B 65 29.63 21.88 30.26
C THR B 65 28.26 22.48 29.95
N GLN B 66 27.84 23.46 30.74
CA GLN B 66 26.55 24.11 30.51
C GLN B 66 26.55 24.88 29.21
N LYS B 67 27.70 25.44 28.85
CA LYS B 67 27.77 26.25 27.63
C LYS B 67 27.58 25.44 26.35
N GLU B 68 28.24 24.30 26.24
CA GLU B 68 28.03 23.44 25.07
C GLU B 68 26.55 23.17 24.92
N ILE B 69 25.88 22.88 26.03
CA ILE B 69 24.46 22.49 25.92
C ILE B 69 23.61 23.65 25.41
N ARG B 70 23.77 24.81 26.05
CA ARG B 70 23.05 26.02 25.63
C ARG B 70 23.45 26.39 24.21
N HIS B 71 24.75 26.37 23.96
CA HIS B 71 25.27 26.68 22.62
C HIS B 71 24.70 25.76 21.53
N SER B 72 24.71 24.46 21.78
CA SER B 72 24.21 23.49 20.81
C SER B 72 22.72 23.67 20.60
N MET B 73 22.06 24.18 21.63
CA MET B 73 20.62 24.35 21.57
C MET B 73 20.32 25.70 20.93
N GLY B 74 21.36 26.53 20.78
CA GLY B 74 21.23 27.86 20.23
C GLY B 74 20.76 28.86 21.27
N TYR B 75 21.01 28.57 22.54
CA TYR B 75 20.54 29.39 23.66
C TYR B 75 21.62 30.29 24.24
N ASP B 76 22.66 30.56 23.45
CA ASP B 76 23.77 31.42 23.86
C ASP B 76 23.30 32.78 24.37
N SER B 77 22.32 33.37 23.67
CA SER B 77 21.88 34.73 23.92
C SER B 77 20.78 34.82 24.96
N LEU B 78 20.30 33.68 25.44
CA LEU B 78 19.24 33.65 26.45
C LEU B 78 19.87 33.68 27.85
N LYS B 79 19.70 34.78 28.57
CA LYS B 79 20.42 34.94 29.84
C LYS B 79 19.58 34.75 31.11
N ASN B 80 18.27 34.67 30.96
CA ASN B 80 17.35 34.71 32.11
C ASN B 80 16.46 33.46 32.25
N GLY B 81 16.85 32.38 31.60
CA GLY B 81 16.09 31.13 31.68
C GLY B 81 14.92 31.09 30.72
N GLU B 82 14.94 31.96 29.72
CA GLU B 82 13.85 32.03 28.75
C GLU B 82 13.57 30.68 28.07
N GLU B 83 14.59 29.83 27.97
CA GLU B 83 14.45 28.56 27.27
C GLU B 83 13.62 27.54 28.05
N PHE B 84 13.26 27.87 29.30
CA PHE B 84 12.50 26.94 30.14
C PHE B 84 11.00 27.21 30.08
N SER B 85 10.61 28.18 29.29
CA SER B 85 9.22 28.58 29.28
C SER B 85 8.32 27.51 28.69
N PHE B 86 8.87 26.65 27.84
CA PHE B 86 8.05 25.59 27.23
C PHE B 86 7.48 24.65 28.30
N LEU B 87 8.12 24.58 29.47
CA LEU B 87 7.69 23.65 30.53
C LEU B 87 6.24 23.84 30.95
N LYS B 88 5.77 25.07 30.94
CA LYS B 88 4.37 25.37 31.25
C LYS B 88 3.38 24.62 30.36
N GLU B 89 3.53 24.77 29.06
CA GLU B 89 2.62 24.08 28.17
C GLU B 89 2.75 22.57 28.35
N PHE B 90 4.00 22.13 28.53
CA PHE B 90 4.28 20.72 28.70
C PHE B 90 3.52 20.16 29.90
N SER B 91 3.52 20.90 31.00
CA SER B 91 2.78 20.48 32.17
C SER B 91 1.29 20.37 31.88
N ASN B 92 0.76 21.33 31.13
CA ASN B 92 -0.66 21.29 30.77
C ASN B 92 -1.06 19.96 30.13
N MET B 93 -0.24 19.47 29.20
CA MET B 93 -0.51 18.19 28.56
C MET B 93 -0.52 17.00 29.52
N VAL B 94 0.38 17.00 30.50
CA VAL B 94 0.46 15.91 31.45
C VAL B 94 -0.82 15.83 32.30
N THR B 95 -1.58 16.92 32.32
CA THR B 95 -2.79 17.02 33.17
C THR B 95 -4.07 17.16 32.35
N ALA B 96 -3.97 16.99 31.03
CA ALA B 96 -5.15 17.10 30.17
C ALA B 96 -6.20 16.02 30.51
N LYS B 97 -7.45 16.28 30.15
CA LYS B 97 -8.49 15.26 30.29
C LYS B 97 -8.24 14.03 29.45
N GLU B 98 -8.52 12.86 30.03
CA GLU B 98 -8.31 11.56 29.39
C GLU B 98 -9.28 11.32 28.22
N SER B 99 -10.38 12.05 28.23
CA SER B 99 -11.42 11.89 27.22
C SER B 99 -10.92 12.50 25.92
N GLN B 100 -9.90 13.33 26.06
CA GLN B 100 -9.26 13.95 24.92
C GLN B 100 -8.04 13.14 24.45
N TYR B 101 -7.06 12.95 25.34
CA TYR B 101 -5.92 12.11 25.04
C TYR B 101 -5.22 11.77 26.34
N VAL B 102 -4.28 10.83 26.25
CA VAL B 102 -3.38 10.55 27.37
C VAL B 102 -1.95 10.68 26.87
N MET B 103 -1.17 11.48 27.60
CA MET B 103 0.25 11.59 27.35
C MET B 103 0.95 11.23 28.66
N LYS B 104 1.48 10.02 28.76
CA LYS B 104 2.21 9.62 29.97
C LYS B 104 3.69 9.96 29.80
N ILE B 105 4.29 10.51 30.83
CA ILE B 105 5.70 10.86 30.75
C ILE B 105 6.45 10.28 31.93
N ALA B 106 7.67 9.78 31.70
CA ALA B 106 8.52 9.31 32.77
C ALA B 106 9.88 10.00 32.61
N ASN B 107 10.17 10.96 33.49
CA ASN B 107 11.45 11.69 33.46
C ASN B 107 12.17 11.45 34.75
N SER B 108 13.38 10.95 34.70
CA SER B 108 14.12 10.69 35.93
C SER B 108 15.60 10.68 35.69
N LEU B 109 16.32 11.13 36.71
CA LEU B 109 17.76 10.98 36.79
C LEU B 109 17.93 9.86 37.79
N PHE B 110 18.68 8.85 37.40
CA PHE B 110 19.08 7.80 38.31
C PHE B 110 20.52 8.01 38.66
N VAL B 111 20.81 8.02 39.96
CA VAL B 111 22.13 8.35 40.41
C VAL B 111 22.64 7.27 41.39
N GLN B 112 23.90 6.87 41.22
CA GLN B 112 24.53 5.90 42.12
C GLN B 112 24.29 6.20 43.61
N ASN B 113 23.90 5.17 44.37
CA ASN B 113 23.70 5.33 45.81
C ASN B 113 24.90 6.06 46.43
N GLY B 114 24.63 7.00 47.35
CA GLY B 114 25.72 7.65 48.06
C GLY B 114 26.22 8.95 47.45
N PHE B 115 25.97 9.16 46.16
CA PHE B 115 26.28 10.44 45.54
C PHE B 115 25.27 11.48 45.99
N HIS B 116 25.77 12.62 46.47
CA HIS B 116 24.90 13.70 46.90
C HIS B 116 24.22 14.43 45.72
N VAL B 117 22.93 14.70 45.84
CA VAL B 117 22.24 15.55 44.89
C VAL B 117 21.85 16.87 45.56
N ASN B 118 22.22 18.00 44.98
CA ASN B 118 21.82 19.29 45.54
C ASN B 118 20.30 19.35 45.69
N GLU B 119 19.86 19.79 46.87
CA GLU B 119 18.43 19.81 47.18
C GLU B 119 17.64 20.80 46.31
N GLU B 120 18.28 21.89 45.93
CA GLU B 120 17.65 22.90 45.09
C GLU B 120 17.39 22.31 43.69
N PHE B 121 18.39 21.63 43.14
CA PHE B 121 18.20 20.94 41.88
C PHE B 121 17.04 19.95 41.98
N LEU B 122 17.04 19.19 43.07
CA LEU B 122 16.02 18.17 43.30
C LEU B 122 14.66 18.84 43.34
N GLN B 123 14.59 19.99 44.00
CA GLN B 123 13.31 20.67 44.12
C GLN B 123 12.78 21.20 42.80
N MET B 124 13.68 21.77 41.99
CA MET B 124 13.33 22.26 40.66
C MET B 124 12.80 21.15 39.78
N MET B 125 13.52 20.04 39.78
CA MET B 125 13.16 18.85 39.01
C MET B 125 11.72 18.47 39.30
N LYS B 126 11.42 18.39 40.58
CA LYS B 126 10.10 17.99 41.03
C LYS B 126 9.01 19.01 40.68
N LYS B 127 9.31 20.29 40.83
CA LYS B 127 8.27 21.32 40.78
C LYS B 127 8.02 21.76 39.35
N TYR B 128 9.08 21.84 38.55
CA TYR B 128 8.93 22.33 37.17
C TYR B 128 9.15 21.27 36.05
N PHE B 129 9.90 20.23 36.33
CA PHE B 129 10.24 19.25 35.27
C PHE B 129 9.47 17.93 35.35
N ASN B 130 8.59 17.78 36.33
CA ASN B 130 7.87 16.53 36.45
C ASN B 130 8.89 15.40 36.42
N ALA B 131 9.96 15.56 37.18
CA ALA B 131 11.07 14.64 37.12
C ALA B 131 11.51 14.22 38.50
N ALA B 132 11.89 12.98 38.66
CA ALA B 132 12.38 12.51 39.95
C ALA B 132 13.88 12.27 39.90
N VAL B 133 14.51 12.30 41.06
CA VAL B 133 15.90 11.91 41.15
C VAL B 133 15.92 10.67 42.03
N ASN B 134 16.38 9.55 41.48
CA ASN B 134 16.30 8.26 42.18
C ASN B 134 17.68 7.68 42.41
N HIS B 135 18.05 7.48 43.67
CA HIS B 135 19.33 6.82 43.95
C HIS B 135 19.15 5.32 43.72
N VAL B 136 20.11 4.70 43.07
CA VAL B 136 20.04 3.27 42.88
C VAL B 136 21.45 2.74 42.95
N ASP B 137 21.58 1.43 42.98
CA ASP B 137 22.92 0.84 42.92
C ASP B 137 23.15 0.26 41.54
N PHE B 138 23.95 0.97 40.75
CA PHE B 138 24.17 0.63 39.35
C PHE B 138 25.06 -0.61 39.20
N SER B 139 25.75 -1.01 40.28
CA SER B 139 26.63 -2.19 40.19
C SER B 139 25.84 -3.50 40.12
N GLN B 140 24.56 -3.46 40.48
CA GLN B 140 23.71 -4.64 40.36
C GLN B 140 22.95 -4.58 39.04
N ASN B 141 23.60 -5.04 37.98
CA ASN B 141 23.13 -4.79 36.62
C ASN B 141 21.71 -5.21 36.36
N VAL B 142 21.37 -6.43 36.75
CA VAL B 142 20.01 -6.93 36.53
C VAL B 142 18.97 -6.23 37.41
N ALA B 143 19.24 -6.12 38.70
CA ALA B 143 18.36 -5.43 39.64
C ALA B 143 18.07 -3.97 39.20
N VAL B 144 19.12 -3.24 38.82
CA VAL B 144 18.97 -1.84 38.45
C VAL B 144 18.24 -1.68 37.12
N ALA B 145 18.51 -2.55 36.13
CA ALA B 145 17.71 -2.51 34.91
C ALA B 145 16.25 -2.82 35.22
N ASN B 146 16.00 -3.86 36.04
CA ASN B 146 14.65 -4.25 36.45
C ASN B 146 13.93 -3.06 37.13
N TYR B 147 14.65 -2.42 38.05
CA TYR B 147 14.04 -1.37 38.86
C TYR B 147 13.69 -0.17 37.99
N ILE B 148 14.65 0.25 37.18
CA ILE B 148 14.42 1.32 36.23
C ILE B 148 13.24 1.00 35.30
N ASN B 149 13.18 -0.21 34.76
CA ASN B 149 12.03 -0.58 33.92
C ASN B 149 10.69 -0.51 34.62
N LYS B 150 10.65 -0.96 35.88
CA LYS B 150 9.41 -0.92 36.65
C LYS B 150 9.03 0.52 37.02
N TRP B 151 10.02 1.33 37.39
CA TRP B 151 9.73 2.74 37.65
C TRP B 151 9.14 3.33 36.35
N VAL B 152 9.74 3.03 35.21
CA VAL B 152 9.23 3.62 33.95
C VAL B 152 7.82 3.10 33.62
N GLU B 153 7.60 1.79 33.74
CA GLU B 153 6.28 1.27 33.49
C GLU B 153 5.26 1.88 34.42
N ASN B 154 5.60 1.92 35.71
CA ASN B 154 4.72 2.52 36.70
C ASN B 154 4.30 3.97 36.36
N ASN B 155 5.20 4.72 35.71
CA ASN B 155 4.90 6.10 35.37
C ASN B 155 4.24 6.26 34.01
N THR B 156 4.09 5.16 33.29
CA THR B 156 3.50 5.23 31.95
C THR B 156 2.28 4.29 31.80
N ASN B 157 1.63 3.97 32.91
CA ASN B 157 0.53 3.00 32.89
C ASN B 157 0.99 1.66 32.34
N ASN B 158 2.25 1.32 32.58
CA ASN B 158 2.84 0.08 32.08
C ASN B 158 2.90 -0.05 30.55
N LEU B 159 2.75 1.07 29.84
CA LEU B 159 2.81 1.06 28.38
C LEU B 159 4.23 1.13 27.80
N VAL B 160 5.16 1.74 28.53
CA VAL B 160 6.55 1.80 28.05
C VAL B 160 7.40 0.81 28.82
N LYS B 161 7.72 -0.29 28.14
CA LYS B 161 8.42 -1.44 28.72
C LYS B 161 9.84 -1.57 28.23
N ASP B 162 10.62 -2.35 28.98
CA ASP B 162 11.96 -2.72 28.58
C ASP B 162 12.76 -1.55 28.07
N LEU B 163 12.69 -0.43 28.78
CA LEU B 163 13.51 0.70 28.42
C LEU B 163 14.99 0.37 28.43
N VAL B 164 15.44 -0.32 29.48
CA VAL B 164 16.86 -0.61 29.60
C VAL B 164 17.11 -2.11 29.82
N SER B 165 18.38 -2.52 29.69
CA SER B 165 18.77 -3.92 29.84
C SER B 165 19.93 -3.99 30.80
N PRO B 166 20.18 -5.16 31.42
CA PRO B 166 21.33 -5.22 32.33
C PRO B 166 22.63 -4.81 31.61
N ARG B 167 22.74 -5.11 30.33
CA ARG B 167 23.97 -4.82 29.61
C ARG B 167 24.24 -3.32 29.54
N ASP B 168 23.21 -2.48 29.70
CA ASP B 168 23.41 -1.02 29.66
C ASP B 168 24.23 -0.55 30.83
N PHE B 169 24.45 -1.43 31.79
CA PHE B 169 25.18 -1.02 32.99
C PHE B 169 26.44 -1.85 33.20
N ASP B 170 26.89 -2.49 32.13
CA ASP B 170 28.15 -3.22 32.16
C ASP B 170 29.30 -2.24 32.42
N ALA B 171 29.27 -1.11 31.71
CA ALA B 171 30.23 -0.03 31.93
C ALA B 171 29.91 0.69 33.25
N ALA B 172 30.94 1.12 33.96
CA ALA B 172 30.70 1.89 35.17
C ALA B 172 29.69 3.01 34.90
N THR B 173 28.65 3.10 35.70
CA THR B 173 27.71 4.20 35.55
C THR B 173 27.40 4.80 36.90
N TYR B 174 27.32 6.13 36.96
CA TYR B 174 27.03 6.84 38.21
C TYR B 174 25.81 7.74 38.06
N LEU B 175 25.42 7.97 36.82
CA LEU B 175 24.31 8.85 36.53
C LEU B 175 23.68 8.43 35.20
N ALA B 176 22.35 8.26 35.20
CA ALA B 176 21.63 7.98 33.95
C ALA B 176 20.35 8.81 33.88
N LEU B 177 20.12 9.37 32.69
CA LEU B 177 18.93 10.17 32.43
C LEU B 177 17.98 9.32 31.64
N ILE B 178 16.76 9.22 32.13
CA ILE B 178 15.77 8.37 31.51
C ILE B 178 14.55 9.24 31.17
N ASN B 179 14.17 9.21 29.91
CA ASN B 179 13.10 10.04 29.40
C ASN B 179 12.21 9.17 28.53
N ALA B 180 10.94 9.06 28.88
CA ALA B 180 10.01 8.24 28.10
C ALA B 180 8.65 8.92 27.98
N VAL B 181 7.93 8.59 26.92
CA VAL B 181 6.63 9.19 26.70
C VAL B 181 5.72 8.24 25.89
N TYR B 182 4.47 8.13 26.32
CA TYR B 182 3.48 7.39 25.59
C TYR B 182 2.39 8.38 25.24
N PHE B 183 1.87 8.29 24.04
CA PHE B 183 0.73 9.11 23.65
C PHE B 183 -0.29 8.25 22.91
N LYS B 184 -1.55 8.46 23.27
CA LYS B 184 -2.68 8.01 22.48
C LYS B 184 -3.83 9.00 22.64
N GLY B 185 -4.45 9.36 21.53
CA GLY B 185 -5.52 10.34 21.58
C GLY B 185 -6.80 9.77 21.05
N ASN B 186 -7.91 10.33 21.52
CA ASN B 186 -9.23 9.98 21.01
C ASN B 186 -9.51 10.89 19.84
N TRP B 187 -9.88 10.31 18.71
CA TRP B 187 -10.18 11.15 17.57
C TRP B 187 -11.43 11.99 17.84
N LYS B 188 -11.43 13.22 17.36
CA LYS B 188 -12.65 14.01 17.38
C LYS B 188 -13.74 13.29 16.56
N SER B 189 -13.33 12.66 15.48
CA SER B 189 -14.24 11.86 14.67
C SER B 189 -13.75 10.42 14.59
N GLN B 190 -14.40 9.52 15.33
CA GLN B 190 -13.96 8.12 15.42
C GLN B 190 -13.93 7.43 14.06
N PHE B 191 -13.08 6.43 13.91
CA PHE B 191 -13.28 5.45 12.85
C PHE B 191 -14.17 4.33 13.39
N ARG B 192 -15.07 3.81 12.59
CA ARG B 192 -15.86 2.67 13.04
C ARG B 192 -15.13 1.38 12.73
N PRO B 193 -14.95 0.51 13.74
CA PRO B 193 -14.16 -0.71 13.60
C PRO B 193 -14.72 -1.66 12.55
N GLU B 194 -16.02 -1.64 12.29
CA GLU B 194 -16.53 -2.48 11.21
C GLU B 194 -16.13 -2.05 9.79
N ASN B 195 -15.60 -0.83 9.66
CA ASN B 195 -15.09 -0.32 8.39
C ASN B 195 -13.60 -0.53 8.23
N THR B 196 -12.97 -1.12 9.24
CA THR B 196 -11.53 -1.41 9.16
C THR B 196 -11.33 -2.77 8.49
N ARG B 197 -10.53 -2.85 7.44
CA ARG B 197 -10.37 -4.09 6.69
C ARG B 197 -8.92 -4.23 6.26
N THR B 198 -8.52 -5.45 5.92
CA THR B 198 -7.13 -5.67 5.53
C THR B 198 -6.87 -5.05 4.17
N PHE B 199 -5.80 -4.24 4.10
CA PHE B 199 -5.33 -3.65 2.86
C PHE B 199 -3.87 -3.96 2.83
N SER B 200 -3.27 -3.87 1.66
CA SER B 200 -1.81 -4.00 1.56
C SER B 200 -1.15 -2.65 1.67
N PHE B 201 -0.01 -2.64 2.32
CA PHE B 201 0.74 -1.43 2.51
C PHE B 201 2.08 -1.64 1.82
N THR B 202 2.40 -0.72 0.93
CA THR B 202 3.59 -0.85 0.10
C THR B 202 4.75 -0.06 0.70
N LYS B 203 5.72 -0.79 1.24
CA LYS B 203 6.91 -0.13 1.78
C LYS B 203 7.72 0.46 0.65
N ASP B 204 8.62 1.37 1.02
CA ASP B 204 9.37 2.12 0.02
C ASP B 204 10.47 1.28 -0.66
N ASP B 205 10.69 0.07 -0.15
CA ASP B 205 11.55 -0.90 -0.82
C ASP B 205 10.70 -1.86 -1.64
N GLU B 206 9.47 -1.45 -1.93
CA GLU B 206 8.56 -2.23 -2.78
C GLU B 206 8.01 -3.53 -2.19
N SER B 207 8.44 -3.90 -0.98
CA SER B 207 7.79 -5.03 -0.30
C SER B 207 6.42 -4.57 0.19
N GLU B 208 5.51 -5.53 0.36
CA GLU B 208 4.14 -5.26 0.80
C GLU B 208 3.86 -6.00 2.10
N VAL B 209 3.07 -5.39 2.97
CA VAL B 209 2.56 -6.07 4.16
C VAL B 209 1.07 -5.80 4.31
N GLN B 210 0.34 -6.74 4.88
CA GLN B 210 -1.09 -6.59 5.07
C GLN B 210 -1.33 -5.98 6.43
N ILE B 211 -2.14 -4.95 6.48
CA ILE B 211 -2.44 -4.30 7.76
C ILE B 211 -3.91 -3.95 7.81
N PRO B 212 -4.40 -3.68 9.03
CA PRO B 212 -5.80 -3.28 9.19
C PRO B 212 -5.92 -1.82 8.74
N MET B 213 -6.68 -1.56 7.67
CA MET B 213 -6.85 -0.18 7.16
C MET B 213 -8.16 0.37 7.70
N MET B 214 -8.07 1.36 8.59
CA MET B 214 -9.26 2.02 9.09
C MET B 214 -9.80 2.94 7.98
N TYR B 215 -11.11 3.21 8.01
CA TYR B 215 -11.72 4.06 7.00
C TYR B 215 -12.79 4.96 7.60
N GLN B 216 -12.82 6.22 7.18
CA GLN B 216 -13.98 7.02 7.43
C GLN B 216 -14.08 8.18 6.45
N GLN B 217 -15.29 8.67 6.32
CA GLN B 217 -15.55 9.93 5.68
C GLN B 217 -15.86 10.91 6.80
N GLY B 218 -15.06 11.94 6.95
CA GLY B 218 -15.31 12.89 8.00
C GLY B 218 -14.65 14.21 7.76
N GLU B 219 -14.78 15.10 8.75
CA GLU B 219 -14.22 16.43 8.67
C GLU B 219 -12.77 16.45 9.12
N PHE B 220 -11.88 16.82 8.20
CA PHE B 220 -10.46 16.87 8.49
C PHE B 220 -9.94 18.17 7.95
N TYR B 221 -8.68 18.47 8.23
CA TYR B 221 -8.00 19.57 7.58
C TYR B 221 -7.14 18.97 6.49
N TYR B 222 -7.30 19.47 5.27
CA TYR B 222 -6.65 18.89 4.10
C TYR B 222 -6.05 19.95 3.19
N GLY B 223 -4.82 19.73 2.75
CA GLY B 223 -4.24 20.55 1.70
C GLY B 223 -3.40 19.72 0.75
N GLU B 224 -3.16 20.28 -0.43
CA GLU B 224 -2.25 19.70 -1.40
C GLU B 224 -1.12 20.66 -1.64
N PHE B 225 0.07 20.14 -1.87
CA PHE B 225 1.24 20.99 -1.87
C PHE B 225 2.19 20.53 -2.94
N SER B 226 2.97 21.47 -3.46
CA SER B 226 3.93 21.14 -4.48
C SER B 226 5.11 20.47 -3.84
N ASP B 227 5.57 19.37 -4.42
CA ASP B 227 6.81 18.76 -3.99
C ASP B 227 7.96 19.60 -4.51
N GLY B 228 7.62 20.64 -5.26
CA GLY B 228 8.59 21.64 -5.68
C GLY B 228 9.10 21.48 -7.09
N SER B 229 8.92 20.30 -7.67
CA SER B 229 9.39 20.00 -9.02
C SER B 229 8.55 20.68 -10.10
N ASN B 230 7.40 21.24 -9.71
CA ASN B 230 6.49 21.93 -10.63
C ASN B 230 5.99 21.09 -11.80
N GLU B 231 6.36 19.81 -11.80
CA GLU B 231 5.93 18.89 -12.84
C GLU B 231 4.43 18.66 -12.76
N ALA B 232 3.87 18.04 -13.80
CA ALA B 232 2.44 17.74 -13.82
C ALA B 232 2.13 16.76 -12.71
N GLY B 233 1.09 17.08 -11.95
CA GLY B 233 0.68 16.23 -10.84
C GLY B 233 1.55 16.34 -9.60
N GLY B 234 2.85 16.57 -9.78
CA GLY B 234 3.79 16.65 -8.68
C GLY B 234 3.28 17.39 -7.46
N ILE B 235 2.52 16.69 -6.63
CA ILE B 235 2.04 17.27 -5.38
C ILE B 235 1.97 16.20 -4.30
N TYR B 236 1.92 16.63 -3.06
CA TYR B 236 1.77 15.70 -1.95
C TYR B 236 0.61 16.16 -1.10
N GLN B 237 0.06 15.25 -0.31
CA GLN B 237 -1.08 15.59 0.49
C GLN B 237 -0.69 15.78 1.92
N VAL B 238 -1.37 16.70 2.57
CA VAL B 238 -1.21 16.88 4.00
C VAL B 238 -2.59 16.75 4.59
N LEU B 239 -2.72 15.87 5.57
CA LEU B 239 -3.98 15.63 6.23
C LEU B 239 -3.78 15.84 7.72
N GLU B 240 -4.62 16.67 8.30
CA GLU B 240 -4.57 16.91 9.72
C GLU B 240 -5.85 16.39 10.34
N ILE B 241 -5.69 15.45 11.27
CA ILE B 241 -6.84 14.82 11.89
C ILE B 241 -6.93 15.30 13.34
N PRO B 242 -8.01 16.01 13.67
CA PRO B 242 -8.13 16.57 15.02
C PRO B 242 -8.43 15.51 16.08
N TYR B 243 -7.79 15.66 17.24
CA TYR B 243 -8.19 14.86 18.40
C TYR B 243 -9.35 15.53 19.14
N GLU B 244 -10.09 14.75 19.89
CA GLU B 244 -11.13 15.31 20.76
C GLU B 244 -10.58 16.48 21.57
N GLY B 245 -11.37 17.52 21.73
CA GLY B 245 -10.94 18.68 22.49
C GLY B 245 -10.43 19.79 21.61
N ASP B 246 -10.20 19.49 20.34
CA ASP B 246 -9.93 20.52 19.33
C ASP B 246 -8.59 21.22 19.41
N GLU B 247 -7.78 20.88 20.41
CA GLU B 247 -6.47 21.51 20.54
C GLU B 247 -5.33 20.73 19.88
N ILE B 248 -5.32 19.40 20.05
CA ILE B 248 -4.22 18.59 19.54
C ILE B 248 -4.63 17.90 18.24
N SER B 249 -3.68 17.71 17.33
CA SER B 249 -4.01 17.02 16.10
C SER B 249 -2.84 16.20 15.57
N MET B 250 -3.15 15.21 14.73
CA MET B 250 -2.10 14.51 14.02
C MET B 250 -2.05 15.01 12.59
N MET B 251 -0.88 15.45 12.16
CA MET B 251 -0.72 15.90 10.79
C MET B 251 0.11 14.87 10.03
N LEU B 252 -0.46 14.31 8.96
CA LEU B 252 0.19 13.28 8.14
C LEU B 252 0.60 13.88 6.82
N VAL B 253 1.80 13.54 6.36
CA VAL B 253 2.28 14.04 5.06
C VAL B 253 2.56 12.87 4.15
N LEU B 254 1.88 12.83 3.02
CA LEU B 254 1.85 11.63 2.19
C LEU B 254 2.14 11.94 0.74
N SER B 255 3.27 11.42 0.27
CA SER B 255 3.69 11.63 -1.09
C SER B 255 2.76 10.88 -2.00
N ARG B 256 2.81 11.19 -3.28
CA ARG B 256 2.02 10.44 -4.23
C ARG B 256 2.50 8.98 -4.22
N GLN B 257 1.63 8.06 -4.63
CA GLN B 257 1.88 6.62 -4.47
C GLN B 257 3.14 6.05 -5.12
N GLU B 258 3.57 6.63 -6.24
CA GLU B 258 4.76 6.08 -6.88
C GLU B 258 6.04 6.72 -6.40
N VAL B 259 5.91 7.72 -5.52
CA VAL B 259 7.05 8.47 -4.98
C VAL B 259 7.39 8.06 -3.54
N PRO B 260 8.70 7.92 -3.25
CA PRO B 260 9.19 7.60 -1.90
C PRO B 260 9.01 8.74 -0.89
N LEU B 261 8.86 8.42 0.38
CA LEU B 261 8.77 9.46 1.42
C LEU B 261 10.06 10.31 1.42
N ALA B 262 11.19 9.64 1.17
CA ALA B 262 12.50 10.28 1.17
C ALA B 262 12.64 11.50 0.25
N THR B 263 11.80 11.58 -0.78
CA THR B 263 11.79 12.73 -1.67
C THR B 263 11.18 13.97 -1.00
N LEU B 264 10.28 13.74 -0.05
CA LEU B 264 9.63 14.82 0.68
C LEU B 264 10.40 15.24 1.93
N GLU B 265 11.10 14.30 2.55
CA GLU B 265 11.72 14.57 3.83
C GLU B 265 12.63 15.81 3.85
N PRO B 266 13.45 16.00 2.80
CA PRO B 266 14.34 17.16 2.86
C PRO B 266 13.59 18.50 2.92
N LEU B 267 12.31 18.48 2.61
CA LEU B 267 11.52 19.71 2.59
C LEU B 267 11.09 20.08 4.00
N VAL B 268 11.29 19.16 4.92
CA VAL B 268 10.76 19.33 6.26
C VAL B 268 11.52 20.43 7.03
N LYS B 269 10.79 21.49 7.38
CA LYS B 269 11.36 22.63 8.08
C LYS B 269 10.26 23.43 8.77
N ALA B 270 10.64 24.14 9.81
CA ALA B 270 9.68 24.79 10.69
C ALA B 270 8.74 25.66 9.88
N GLN B 271 9.27 26.27 8.82
CA GLN B 271 8.49 27.18 7.99
C GLN B 271 7.43 26.45 7.17
N LEU B 272 7.84 25.33 6.58
CA LEU B 272 6.90 24.45 5.88
C LEU B 272 5.77 24.03 6.81
N VAL B 273 6.10 23.51 7.99
CA VAL B 273 5.08 23.11 8.95
C VAL B 273 4.08 24.23 9.20
N GLU B 274 4.60 25.44 9.35
CA GLU B 274 3.76 26.61 9.53
C GLU B 274 2.83 26.73 8.32
N GLU B 275 3.40 26.58 7.13
CA GLU B 275 2.61 26.74 5.91
C GLU B 275 1.48 25.70 5.88
N TRP B 276 1.83 24.44 6.12
CA TRP B 276 0.81 23.39 6.18
C TRP B 276 -0.30 23.83 7.10
N ALA B 277 0.11 24.17 8.32
CA ALA B 277 -0.83 24.49 9.35
C ALA B 277 -1.79 25.56 8.89
N ASN B 278 -1.26 26.57 8.19
CA ASN B 278 -2.09 27.69 7.72
C ASN B 278 -2.87 27.43 6.46
N SER B 279 -2.34 26.59 5.57
CA SER B 279 -2.98 26.38 4.26
C SER B 279 -4.05 25.29 4.24
N VAL B 280 -3.89 24.24 5.03
CA VAL B 280 -4.91 23.19 5.08
C VAL B 280 -6.28 23.76 5.37
N LYS B 281 -7.31 23.12 4.81
CA LYS B 281 -8.66 23.61 4.95
C LYS B 281 -9.57 22.51 5.47
N LYS B 282 -10.51 22.90 6.31
CA LYS B 282 -11.41 21.96 6.95
C LYS B 282 -12.48 21.58 5.94
N GLN B 283 -12.68 20.29 5.74
CA GLN B 283 -13.65 19.81 4.75
C GLN B 283 -13.83 18.32 4.88
N LYS B 284 -14.87 17.79 4.25
CA LYS B 284 -15.03 16.36 4.22
C LYS B 284 -13.96 15.73 3.35
N VAL B 285 -13.32 14.69 3.91
CA VAL B 285 -12.26 13.94 3.23
C VAL B 285 -12.56 12.46 3.45
N GLU B 286 -12.27 11.62 2.47
CA GLU B 286 -12.31 10.18 2.70
C GLU B 286 -10.94 9.67 3.09
N VAL B 287 -10.86 9.04 4.25
CA VAL B 287 -9.56 8.70 4.83
C VAL B 287 -9.43 7.20 5.08
N TYR B 288 -8.34 6.63 4.56
CA TYR B 288 -7.93 5.27 4.83
C TYR B 288 -6.61 5.39 5.59
N LEU B 289 -6.61 4.94 6.84
CA LEU B 289 -5.47 5.10 7.74
C LEU B 289 -5.19 3.81 8.46
N PRO B 290 -3.93 3.37 8.47
CA PRO B 290 -3.71 2.09 9.13
C PRO B 290 -3.97 2.24 10.62
N ARG B 291 -4.46 1.17 11.22
CA ARG B 291 -4.36 1.02 12.66
C ARG B 291 -2.93 0.56 12.95
N PHE B 292 -2.20 1.31 13.78
CA PHE B 292 -0.78 1.03 13.99
C PHE B 292 -0.24 1.59 15.29
N THR B 293 0.90 1.06 15.75
CA THR B 293 1.64 1.73 16.81
C THR B 293 3.04 1.98 16.29
N VAL B 294 3.64 3.05 16.78
CA VAL B 294 5.02 3.27 16.41
C VAL B 294 5.80 3.66 17.65
N GLU B 295 7.05 3.23 17.68
CA GLU B 295 7.91 3.50 18.82
C GLU B 295 9.36 3.63 18.37
N GLN B 296 10.15 4.29 19.20
CA GLN B 296 11.56 4.39 18.94
C GLN B 296 12.24 4.69 20.24
N GLU B 297 13.31 3.95 20.50
CA GLU B 297 14.21 4.28 21.60
C GLU B 297 15.43 4.90 20.97
N ILE B 298 15.81 6.07 21.47
CA ILE B 298 17.01 6.73 20.98
C ILE B 298 18.04 6.96 22.09
N ASP B 299 19.31 6.81 21.71
CA ASP B 299 20.44 7.02 22.60
C ASP B 299 20.76 8.50 22.48
N LEU B 300 20.29 9.30 23.43
CA LEU B 300 20.42 10.75 23.34
C LEU B 300 21.88 11.14 23.43
N LYS B 301 22.67 10.32 24.10
CA LYS B 301 24.07 10.60 24.26
C LYS B 301 24.67 10.58 22.86
N ASP B 302 24.36 9.55 22.09
CA ASP B 302 24.86 9.49 20.73
C ASP B 302 24.46 10.72 19.94
N VAL B 303 23.16 11.02 19.93
CA VAL B 303 22.63 12.12 19.16
C VAL B 303 23.25 13.47 19.53
N LEU B 304 23.38 13.72 20.83
CA LEU B 304 23.92 14.99 21.31
C LEU B 304 25.41 15.16 21.04
N LYS B 305 26.19 14.09 21.19
CA LYS B 305 27.61 14.16 20.88
C LYS B 305 27.85 14.74 19.47
N ALA B 306 27.04 14.29 18.50
CA ALA B 306 27.13 14.79 17.13
C ALA B 306 26.74 16.26 17.06
N LEU B 307 26.04 16.75 18.08
CA LEU B 307 25.58 18.13 18.10
C LEU B 307 26.42 19.00 19.02
N GLY B 308 27.63 18.55 19.35
CA GLY B 308 28.56 19.36 20.14
C GLY B 308 28.67 19.05 21.63
N ILE B 309 27.58 18.52 22.19
CA ILE B 309 27.45 18.22 23.61
C ILE B 309 28.20 16.94 23.99
N THR B 310 29.38 17.08 24.59
CA THR B 310 30.24 15.92 24.86
C THR B 310 30.84 15.97 26.24
N GLU B 311 31.01 17.17 26.77
CA GLU B 311 31.73 17.27 28.02
C GLU B 311 30.94 16.64 29.15
N ILE B 312 29.61 16.75 29.06
CA ILE B 312 28.74 16.22 30.12
C ILE B 312 28.88 14.69 30.24
N PHE B 313 29.34 14.05 29.17
CA PHE B 313 29.43 12.59 29.12
C PHE B 313 30.80 12.00 29.51
N ILE B 314 31.73 12.84 29.97
CA ILE B 314 33.07 12.38 30.35
C ILE B 314 33.42 12.93 31.74
N LYS B 315 34.55 12.49 32.30
CA LYS B 315 34.91 12.82 33.67
C LYS B 315 35.18 14.31 33.86
N ASP B 316 35.32 15.04 32.75
CA ASP B 316 35.54 16.48 32.82
C ASP B 316 34.26 17.24 33.03
N ALA B 317 33.16 16.51 33.11
CA ALA B 317 31.84 17.09 33.26
C ALA B 317 31.83 18.04 34.44
N ASN B 318 31.34 19.26 34.22
CA ASN B 318 30.99 20.11 35.36
C ASN B 318 29.49 20.03 35.61
N LEU B 319 29.11 19.24 36.63
CA LEU B 319 27.73 19.00 36.97
C LEU B 319 27.44 19.48 38.39
N THR B 320 28.08 20.57 38.78
CA THR B 320 27.96 21.09 40.14
C THR B 320 26.57 21.69 40.38
N GLY B 321 25.84 21.95 39.31
CA GLY B 321 24.42 22.27 39.44
C GLY B 321 23.61 21.15 40.07
N LEU B 322 24.05 19.91 39.92
CA LEU B 322 23.24 18.82 40.48
C LEU B 322 23.89 18.05 41.65
N SER B 323 25.22 18.11 41.73
CA SER B 323 25.98 17.39 42.75
C SER B 323 27.35 18.04 42.97
N ASP B 324 27.77 18.10 44.23
CA ASP B 324 29.10 18.60 44.53
C ASP B 324 30.13 17.48 44.36
N ASN B 325 29.69 16.32 43.95
CA ASN B 325 30.60 15.20 43.73
C ASN B 325 31.38 15.37 42.43
N LYS B 326 32.72 15.41 42.53
CA LYS B 326 33.57 15.75 41.40
C LYS B 326 33.80 14.59 40.41
N GLU B 327 33.49 13.38 40.85
CA GLU B 327 33.63 12.19 40.02
C GLU B 327 32.53 12.04 38.96
N ILE B 328 31.44 12.78 39.15
CA ILE B 328 30.20 12.46 38.47
C ILE B 328 30.11 13.02 37.04
N PHE B 329 29.62 12.20 36.12
CA PHE B 329 29.30 12.58 34.73
C PHE B 329 28.09 11.75 34.27
N LEU B 330 27.51 12.13 33.15
CA LEU B 330 26.31 11.47 32.63
C LEU B 330 26.72 10.26 31.79
N SER B 331 26.55 9.06 32.33
CA SER B 331 26.94 7.84 31.62
C SER B 331 25.99 7.52 30.49
N LYS B 332 24.72 7.87 30.66
CA LYS B 332 23.68 7.25 29.86
C LYS B 332 22.53 8.25 29.73
N ALA B 333 22.04 8.43 28.51
CA ALA B 333 20.88 9.29 28.29
C ALA B 333 19.95 8.62 27.29
N ILE B 334 18.80 8.17 27.78
CA ILE B 334 17.88 7.38 26.95
C ILE B 334 16.56 8.07 26.78
N HIS B 335 16.07 8.07 25.55
CA HIS B 335 14.73 8.58 25.29
C HIS B 335 13.93 7.54 24.55
N LYS B 336 12.72 7.32 25.00
CA LYS B 336 11.84 6.41 24.28
C LYS B 336 10.43 6.97 24.12
N SER B 337 9.92 6.95 22.89
CA SER B 337 8.53 7.32 22.62
C SER B 337 7.71 6.16 22.13
N PHE B 338 6.42 6.19 22.45
CA PHE B 338 5.54 5.13 21.99
C PHE B 338 4.24 5.81 21.61
N LEU B 339 3.81 5.63 20.37
CA LEU B 339 2.58 6.25 19.92
C LEU B 339 1.63 5.17 19.45
N GLU B 340 0.38 5.27 19.86
CA GLU B 340 -0.62 4.32 19.45
C GLU B 340 -1.77 5.00 18.71
N VAL B 341 -2.10 4.47 17.53
CA VAL B 341 -3.21 4.99 16.73
C VAL B 341 -4.22 3.88 16.44
N ASN B 342 -5.49 4.11 16.78
CA ASN B 342 -6.56 3.19 16.38
C ASN B 342 -7.86 3.91 16.08
N GLU B 343 -8.97 3.19 16.04
CA GLU B 343 -10.24 3.74 15.57
C GLU B 343 -10.82 4.73 16.60
N GLU B 344 -10.43 4.57 17.87
CA GLU B 344 -11.19 5.15 18.97
C GLU B 344 -11.33 6.67 18.94
N GLY B 345 -12.55 7.14 19.15
CA GLY B 345 -12.78 8.57 19.26
C GLY B 345 -14.24 8.86 19.49
N SER B 346 -14.67 10.11 19.26
CA SER B 346 -16.05 10.52 19.50
C SER B 346 -16.96 10.30 18.30
N GLU B 347 -18.26 10.15 18.59
CA GLU B 347 -19.29 10.17 17.55
C GLU B 347 -19.16 11.41 16.66
N ALA B 348 -19.28 11.23 15.36
CA ALA B 348 -19.35 12.39 14.46
C ALA B 348 -20.70 13.10 14.58
N ALA B 349 -20.69 14.43 14.55
CA ALA B 349 -21.94 15.19 14.47
C ALA B 349 -22.65 14.92 13.14
N ALA B 350 -23.96 14.69 13.19
CA ALA B 350 -24.75 14.43 11.98
C ALA B 350 -25.53 15.68 11.57
N ALA B 356 -28.02 18.64 2.01
CA ALA B 356 -27.77 18.59 0.58
C ALA B 356 -26.28 18.66 0.21
N ILE B 357 -25.41 18.65 1.23
CA ILE B 357 -23.96 18.60 1.00
C ILE B 357 -23.49 17.23 0.48
N SER B 358 -24.38 16.24 0.53
CA SER B 358 -24.10 14.94 -0.04
C SER B 358 -23.91 15.09 -1.54
N ARG B 359 -24.54 16.10 -2.13
N ARG B 359 -24.54 16.10 -2.12
CA ARG B 359 -24.41 16.35 -3.55
CA ARG B 359 -24.41 16.44 -3.54
C ARG B 359 -22.96 16.66 -3.90
C ARG B 359 -22.95 16.68 -3.90
N MET B 360 -22.16 17.06 -2.91
CA MET B 360 -20.77 17.44 -3.16
C MET B 360 -19.81 16.25 -3.05
N ALA B 361 -20.35 15.06 -2.84
CA ALA B 361 -19.52 13.90 -2.49
C ALA B 361 -18.43 13.65 -3.51
N VAL B 362 -18.71 13.88 -4.79
CA VAL B 362 -17.72 13.63 -5.82
C VAL B 362 -16.51 14.50 -5.68
N LEU B 363 -16.64 15.56 -4.87
CA LEU B 363 -15.55 16.52 -4.73
C LEU B 363 -14.72 16.24 -3.48
N TYR B 364 -15.17 15.33 -2.61
CA TYR B 364 -14.38 15.01 -1.41
C TYR B 364 -13.00 14.46 -1.77
N PRO B 365 -11.94 15.05 -1.21
CA PRO B 365 -10.61 14.49 -1.46
C PRO B 365 -10.47 13.09 -0.83
N GLN B 366 -9.49 12.32 -1.29
CA GLN B 366 -9.31 10.95 -0.85
C GLN B 366 -7.87 10.80 -0.44
N VAL B 367 -7.65 10.34 0.78
CA VAL B 367 -6.29 10.13 1.26
C VAL B 367 -6.20 8.68 1.69
N ILE B 368 -5.37 7.91 1.00
CA ILE B 368 -5.23 6.50 1.34
C ILE B 368 -3.79 6.30 1.76
N VAL B 369 -3.61 6.15 3.07
CA VAL B 369 -2.29 6.02 3.64
C VAL B 369 -1.82 4.56 3.53
N ASP B 370 -1.41 4.15 2.32
CA ASP B 370 -1.04 2.75 2.12
C ASP B 370 0.39 2.61 1.68
N HIS B 371 1.19 3.60 2.07
CA HIS B 371 2.63 3.61 1.90
C HIS B 371 3.22 4.62 2.91
N PRO B 372 4.55 4.65 3.01
CA PRO B 372 5.20 5.39 4.11
C PRO B 372 4.82 6.85 4.18
N PHE B 373 4.80 7.38 5.39
CA PHE B 373 4.35 8.75 5.62
C PHE B 373 5.09 9.37 6.78
N PHE B 374 5.26 10.68 6.69
CA PHE B 374 5.79 11.52 7.75
C PHE B 374 4.61 11.99 8.57
N PHE B 375 4.81 12.23 9.85
CA PHE B 375 3.71 12.74 10.66
C PHE B 375 4.22 13.66 11.77
N LEU B 376 3.34 14.51 12.29
CA LEU B 376 3.66 15.16 13.54
C LEU B 376 2.40 15.25 14.36
N ILE B 377 2.57 15.31 15.68
CA ILE B 377 1.45 15.63 16.55
C ILE B 377 1.70 17.02 17.10
N ARG B 378 0.69 17.87 17.03
CA ARG B 378 0.88 19.28 17.30
C ARG B 378 -0.34 19.86 17.97
N ASN B 379 -0.08 20.88 18.77
CA ASN B 379 -1.13 21.68 19.36
C ASN B 379 -1.46 22.76 18.35
N ARG B 380 -2.71 22.80 17.89
CA ARG B 380 -3.14 23.72 16.84
C ARG B 380 -3.23 25.16 17.33
N ARG B 381 -3.42 25.33 18.64
CA ARG B 381 -3.64 26.65 19.20
C ARG B 381 -2.29 27.29 19.51
N THR B 382 -1.36 26.49 20.01
CA THR B 382 -0.06 26.99 20.39
C THR B 382 1.00 26.72 19.33
N GLY B 383 0.74 25.76 18.45
CA GLY B 383 1.66 25.44 17.37
C GLY B 383 2.77 24.50 17.79
N THR B 384 2.83 24.17 19.07
CA THR B 384 3.95 23.37 19.56
C THR B 384 3.87 21.90 19.17
N ILE B 385 5.03 21.32 18.87
CA ILE B 385 5.12 19.97 18.38
C ILE B 385 5.27 18.98 19.52
N LEU B 386 4.27 18.13 19.70
CA LEU B 386 4.34 17.08 20.69
C LEU B 386 5.16 15.91 20.19
N PHE B 387 5.03 15.59 18.91
CA PHE B 387 5.76 14.48 18.35
C PHE B 387 6.05 14.72 16.89
N MET B 388 7.09 14.04 16.40
CA MET B 388 7.42 14.03 15.01
C MET B 388 7.95 12.66 14.72
N GLY B 389 7.76 12.17 13.50
CA GLY B 389 8.31 10.88 13.13
C GLY B 389 7.89 10.46 11.74
N ARG B 390 8.14 9.21 11.42
CA ARG B 390 7.65 8.68 10.17
C ARG B 390 7.29 7.22 10.37
N VAL B 391 6.39 6.72 9.54
CA VAL B 391 6.11 5.29 9.49
C VAL B 391 6.58 4.69 8.16
N MET B 392 7.58 3.82 8.24
CA MET B 392 8.05 3.06 7.11
C MET B 392 7.44 1.66 7.17
N HIS B 393 7.22 1.18 8.40
CA HIS B 393 6.63 -0.14 8.66
C HIS B 393 5.51 -0.04 9.68
N PRO B 394 4.25 -0.16 9.24
CA PRO B 394 3.11 -0.01 10.14
C PRO B 394 2.76 -1.30 10.84
N GLU B 395 3.31 -2.42 10.39
CA GLU B 395 2.87 -3.72 10.87
C GLU B 395 3.46 -3.94 12.24
N THR B 396 2.80 -4.78 13.04
CA THR B 396 3.31 -5.17 14.34
C THR B 396 4.66 -5.85 14.15
N MET B 397 5.34 -6.20 15.22
CA MET B 397 6.69 -6.76 15.13
C MET B 397 7.51 -5.96 14.09
#